data_7ZM6
#
_entry.id   7ZM6
#
_cell.length_a   55.382
_cell.length_b   82.957
_cell.length_c   92.988
_cell.angle_alpha   90.000
_cell.angle_beta   90.860
_cell.angle_gamma   90.000
#
_symmetry.space_group_name_H-M   'P 1 21 1'
#
loop_
_entity.id
_entity.type
_entity.pdbx_description
1 polymer 'Attachment protein'
2 water water
#
_entity_poly.entity_id   1
_entity_poly.type   'polypeptide(L)'
_entity_poly.pdbx_seq_one_letter_code
;MAPINYPASYYTNNAERPVVITTKSTESKGQRPLPLGNARFWEYFGHVCGTLTFCMSLIGIIVGIIALANYSSDKDWKGR
IGGDIQVTRMATEKTVKLILEDTTPKLRNILDSVLFQLPKMLASIASKINTQTPPPPTTSGHSTALATQCSSNCENRPEI
GYDYLRQVEQSLQRITNISIQLLEASEIHSMAGAYPNALYKIRTQDSWSVTAKECPLQAFQPNLNLIPAMIGTATGALIR
NCVRQPVIVVDDGVYMLTYLAMRGSCQDHQKSVRHFEMGVITSDPFGDPVPTPLRHWTKRALPAYDGCALAVKGHAGFAL
CTETSVGPLRDRTAKRKPNIVLFKASLVGELSERVIPPQSWLSGFSFFSVYTVAGKGYAYHSKFHAFGNVVRVGQSEYQA
KCRGTGCPTANQDDCNTAQRVSQEDNTYLHQAILSVDIDSVIDPEDVVYVIERDQYYQASAGDLYRVPETGEILYNLHNG
GWSNEVQVGRIQPSDRFYMREIQLTSTRVPAPNGCNRVKGCPGGCVAVISPAFTPMHPEFNVGVGIFPMNQPHNPSIMHV
QQQTELFWKPIVGGNITLHESSIACYSTVPPNPSYDLCIGVMTLLLHQGQLPQFQALSWYQPTMCNGNAPQNRRALIPVI
VEDSKAMSVSSDAPRTP
;
_entity_poly.pdbx_strand_id   A,B
#
# COMPACT_ATOMS: atom_id res chain seq x y z
N ALA A 198 3.15 -16.30 13.55
CA ALA A 198 3.51 -15.43 12.42
C ALA A 198 3.43 -16.20 11.11
N LEU A 199 3.46 -15.47 10.00
CA LEU A 199 3.42 -16.10 8.70
C LEU A 199 4.77 -16.75 8.42
N TYR A 200 4.74 -18.00 7.94
CA TYR A 200 5.96 -18.76 7.67
C TYR A 200 7.04 -17.90 7.02
N LYS A 201 8.11 -17.63 7.75
CA LYS A 201 9.12 -16.70 7.29
C LYS A 201 10.48 -17.38 7.28
N ILE A 202 11.33 -16.90 6.39
CA ILE A 202 12.67 -17.43 6.20
C ILE A 202 13.63 -16.79 7.19
N ARG A 203 14.65 -17.55 7.56
CA ARG A 203 15.76 -17.00 8.32
C ARG A 203 16.59 -16.08 7.45
N THR A 204 17.00 -14.95 8.01
CA THR A 204 17.88 -14.02 7.29
C THR A 204 18.99 -13.57 8.24
N GLN A 205 20.02 -13.00 7.64
CA GLN A 205 21.17 -12.50 8.40
C GLN A 205 21.73 -11.28 7.68
N ASP A 206 22.44 -10.45 8.43
CA ASP A 206 22.97 -9.21 7.89
C ASP A 206 23.89 -9.48 6.72
N SER A 207 23.78 -8.65 5.68
CA SER A 207 24.67 -8.76 4.53
C SER A 207 26.04 -8.15 4.79
N TRP A 208 26.21 -7.42 5.89
CA TRP A 208 27.50 -6.88 6.29
C TRP A 208 28.19 -7.76 7.34
N SER A 209 27.68 -8.97 7.56
CA SER A 209 28.38 -9.96 8.37
C SER A 209 29.80 -10.18 7.85
N VAL A 210 30.68 -10.61 8.75
CA VAL A 210 32.05 -10.95 8.35
C VAL A 210 32.10 -12.15 7.41
N THR A 211 31.01 -12.91 7.31
CA THR A 211 30.93 -14.03 6.37
C THR A 211 30.69 -13.56 4.94
N ALA A 212 30.60 -12.26 4.70
CA ALA A 212 30.42 -11.73 3.36
C ALA A 212 31.68 -11.94 2.53
N LYS A 213 31.54 -11.79 1.21
CA LYS A 213 32.65 -11.97 0.30
C LYS A 213 33.79 -11.01 0.60
N GLU A 214 35.02 -11.52 0.55
CA GLU A 214 36.22 -10.71 0.61
C GLU A 214 36.84 -10.49 -0.77
N CYS A 215 36.43 -11.29 -1.75
CA CYS A 215 37.01 -11.28 -3.08
C CYS A 215 36.67 -9.98 -3.83
N PRO A 216 37.39 -9.69 -4.91
CA PRO A 216 36.92 -8.69 -5.87
C PRO A 216 35.70 -9.20 -6.62
N LEU A 217 34.61 -8.45 -6.57
CA LEU A 217 33.32 -8.95 -7.00
C LEU A 217 33.12 -8.83 -8.51
N GLN A 218 32.28 -9.73 -9.03
CA GLN A 218 31.79 -9.65 -10.41
C GLN A 218 31.05 -8.35 -10.67
N ALA A 219 31.35 -7.73 -11.82
CA ALA A 219 30.53 -6.66 -12.36
C ALA A 219 29.35 -7.28 -13.10
N PHE A 220 28.15 -7.20 -12.51
CA PHE A 220 26.97 -7.87 -13.06
C PHE A 220 26.44 -7.07 -14.23
N GLN A 221 26.60 -7.62 -15.44
CA GLN A 221 26.16 -7.01 -16.69
C GLN A 221 24.67 -7.17 -16.97
N PRO A 222 24.06 -8.35 -16.75
CA PRO A 222 22.64 -8.51 -17.10
C PRO A 222 21.74 -7.64 -16.25
N ASN A 223 20.48 -7.56 -16.69
CA ASN A 223 19.45 -6.87 -15.91
C ASN A 223 19.22 -7.59 -14.59
N LEU A 224 18.90 -6.82 -13.56
CA LEU A 224 18.62 -7.39 -12.25
C LEU A 224 17.27 -8.08 -12.24
N ASN A 225 17.13 -9.06 -11.35
CA ASN A 225 15.86 -9.75 -11.14
C ASN A 225 15.10 -8.99 -10.06
N LEU A 226 14.20 -8.09 -10.48
CA LEU A 226 13.40 -7.30 -9.56
C LEU A 226 12.15 -8.09 -9.19
N ILE A 227 11.99 -8.37 -7.89
CA ILE A 227 10.88 -9.19 -7.41
C ILE A 227 10.00 -8.32 -6.52
N PRO A 228 8.77 -8.75 -6.23
CA PRO A 228 7.82 -7.85 -5.56
C PRO A 228 8.21 -7.53 -4.13
N ALA A 229 7.65 -6.41 -3.65
CA ALA A 229 7.68 -6.00 -2.25
C ALA A 229 6.37 -5.25 -2.00
N MET A 230 5.29 -6.02 -1.86
CA MET A 230 3.95 -5.47 -1.67
C MET A 230 3.76 -5.13 -0.20
N ILE A 231 4.37 -4.03 0.21
CA ILE A 231 4.36 -3.57 1.58
C ILE A 231 3.88 -2.11 1.60
N GLY A 232 3.77 -1.56 2.81
CA GLY A 232 3.22 -0.23 2.92
C GLY A 232 1.76 -0.19 2.49
N THR A 233 1.34 0.98 2.02
CA THR A 233 -0.03 1.18 1.54
C THR A 233 0.00 2.03 0.27
N ALA A 234 -1.14 2.07 -0.41
CA ALA A 234 -1.36 3.10 -1.41
C ALA A 234 -1.30 4.47 -0.73
N THR A 235 -0.75 5.47 -1.43
CA THR A 235 -0.53 6.77 -0.81
C THR A 235 -1.11 7.89 -1.67
N GLY A 236 -2.30 7.66 -2.25
CA GLY A 236 -3.01 8.69 -2.99
C GLY A 236 -2.29 9.20 -4.21
N ALA A 237 -1.93 8.31 -5.14
CA ALA A 237 -1.21 8.71 -6.34
C ALA A 237 -2.01 9.65 -7.22
N LEU A 238 -3.33 9.69 -7.08
CA LEU A 238 -4.19 10.51 -7.92
C LEU A 238 -4.78 11.71 -7.21
N ILE A 239 -4.56 11.86 -5.90
CA ILE A 239 -5.29 12.85 -5.13
C ILE A 239 -4.35 13.78 -4.35
N ARG A 240 -3.12 13.94 -4.85
CA ARG A 240 -2.14 14.87 -4.31
C ARG A 240 -1.92 14.65 -2.80
N ASN A 241 -1.40 13.47 -2.48
CA ASN A 241 -0.91 13.15 -1.15
C ASN A 241 0.60 12.93 -1.22
N CYS A 242 1.31 13.39 -0.19
CA CYS A 242 2.77 13.35 -0.16
C CYS A 242 3.25 12.41 0.93
N VAL A 243 4.34 11.70 0.64
CA VAL A 243 4.97 10.77 1.57
C VAL A 243 6.43 11.19 1.76
N ARG A 244 6.90 11.15 3.00
CA ARG A 244 8.25 11.58 3.33
C ARG A 244 8.88 10.61 4.31
N GLN A 245 10.20 10.71 4.46
CA GLN A 245 10.98 10.00 5.45
C GLN A 245 10.75 8.48 5.48
N PRO A 246 10.92 7.79 4.35
CA PRO A 246 10.75 6.33 4.36
C PRO A 246 11.99 5.64 4.94
N VAL A 247 11.74 4.63 5.77
CA VAL A 247 12.81 3.83 6.37
C VAL A 247 12.37 2.37 6.34
N ILE A 248 13.31 1.48 5.98
CA ILE A 248 13.08 0.04 6.01
C ILE A 248 14.24 -0.62 6.77
N VAL A 249 13.91 -1.59 7.62
CA VAL A 249 14.91 -2.33 8.38
C VAL A 249 14.49 -3.80 8.41
N VAL A 250 15.48 -4.70 8.36
CA VAL A 250 15.23 -6.13 8.33
C VAL A 250 16.10 -6.80 9.38
N ASP A 251 15.51 -7.76 10.10
CA ASP A 251 16.27 -8.59 11.05
C ASP A 251 15.62 -9.97 11.14
N ASP A 252 16.37 -10.99 10.73
CA ASP A 252 15.96 -12.39 10.82
C ASP A 252 14.55 -12.61 10.28
N GLY A 253 14.34 -12.19 9.03
CA GLY A 253 13.07 -12.43 8.38
C GLY A 253 11.93 -11.55 8.82
N VAL A 254 12.19 -10.54 9.65
CA VAL A 254 11.18 -9.61 10.12
C VAL A 254 11.58 -8.20 9.70
N TYR A 255 10.62 -7.42 9.21
CA TYR A 255 10.88 -6.06 8.78
C TYR A 255 9.96 -5.08 9.51
N MET A 256 10.41 -3.84 9.58
CA MET A 256 9.59 -2.73 10.04
C MET A 256 9.74 -1.58 9.08
N LEU A 257 8.62 -0.91 8.78
CA LEU A 257 8.58 0.15 7.79
C LEU A 257 7.91 1.37 8.40
N THR A 258 8.34 2.56 7.97
CA THR A 258 7.73 3.80 8.43
C THR A 258 7.80 4.83 7.31
N TYR A 259 6.85 5.77 7.36
CA TYR A 259 6.86 6.93 6.47
C TYR A 259 5.89 7.96 7.04
N LEU A 260 5.98 9.17 6.49
CA LEU A 260 5.19 10.32 6.95
C LEU A 260 4.31 10.77 5.80
N ALA A 261 3.00 10.81 6.02
CA ALA A 261 2.04 11.12 4.99
C ALA A 261 1.39 12.47 5.25
N MET A 262 1.19 13.25 4.18
CA MET A 262 0.60 14.58 4.27
C MET A 262 -0.39 14.77 3.13
N ARG A 263 -1.23 15.80 3.27
CA ARG A 263 -2.30 16.10 2.33
C ARG A 263 -2.02 17.43 1.64
N GLY A 264 -1.95 17.41 0.31
CA GLY A 264 -1.89 18.62 -0.49
C GLY A 264 -0.52 19.25 -0.62
N SER A 265 0.44 18.89 0.21
CA SER A 265 1.80 19.43 0.12
C SER A 265 2.71 18.52 0.93
N CYS A 266 4.02 18.78 0.81
CA CYS A 266 5.02 18.02 1.53
C CYS A 266 5.56 18.75 2.76
N GLN A 267 4.95 19.85 3.16
CA GLN A 267 5.36 20.59 4.36
C GLN A 267 4.12 20.93 5.19
N ASP A 268 3.53 19.89 5.77
CA ASP A 268 2.35 20.02 6.60
C ASP A 268 2.49 19.02 7.76
N HIS A 269 3.47 19.29 8.63
CA HIS A 269 3.64 18.46 9.82
C HIS A 269 2.40 18.51 10.70
N GLN A 270 1.76 19.68 10.79
CA GLN A 270 0.61 19.86 11.68
C GLN A 270 -0.54 18.94 11.29
N LYS A 271 -0.70 18.64 10.00
CA LYS A 271 -1.77 17.79 9.51
C LYS A 271 -1.25 16.49 8.92
N SER A 272 -0.12 15.99 9.42
CA SER A 272 0.49 14.78 8.89
C SER A 272 0.02 13.55 9.64
N VAL A 273 0.30 12.38 9.06
CA VAL A 273 0.04 11.08 9.67
C VAL A 273 1.32 10.27 9.60
N ARG A 274 1.71 9.69 10.73
CA ARG A 274 2.92 8.88 10.82
C ARG A 274 2.53 7.41 10.78
N HIS A 275 3.06 6.70 9.80
CA HIS A 275 2.72 5.31 9.58
C HIS A 275 3.83 4.40 10.11
N PHE A 276 3.43 3.32 10.77
CA PHE A 276 4.33 2.26 11.18
C PHE A 276 3.79 0.93 10.67
N GLU A 277 4.69 0.02 10.33
CA GLU A 277 4.28 -1.26 9.78
C GLU A 277 5.32 -2.31 10.12
N MET A 278 4.84 -3.52 10.39
CA MET A 278 5.71 -4.67 10.61
C MET A 278 5.16 -5.86 9.85
N GLY A 279 6.08 -6.69 9.37
CA GLY A 279 5.71 -7.90 8.67
C GLY A 279 6.90 -8.84 8.62
N VAL A 280 6.77 -9.85 7.77
CA VAL A 280 7.78 -10.89 7.65
C VAL A 280 8.14 -11.08 6.18
N ILE A 281 9.31 -11.67 5.97
CA ILE A 281 9.81 -12.03 4.65
C ILE A 281 9.50 -13.51 4.45
N THR A 282 8.70 -13.82 3.42
CA THR A 282 8.21 -15.16 3.20
C THR A 282 8.40 -15.55 1.74
N SER A 283 8.50 -16.86 1.50
CA SER A 283 8.70 -17.38 0.16
C SER A 283 7.44 -17.20 -0.68
N ASP A 284 7.58 -16.57 -1.85
CA ASP A 284 6.46 -16.29 -2.73
C ASP A 284 6.18 -17.49 -3.64
N PRO A 285 5.13 -17.46 -4.47
CA PRO A 285 4.87 -18.62 -5.36
C PRO A 285 6.07 -19.08 -6.18
N PHE A 286 6.98 -18.17 -6.55
CA PHE A 286 8.15 -18.55 -7.33
C PHE A 286 9.28 -19.10 -6.46
N GLY A 287 9.08 -19.19 -5.15
CA GLY A 287 10.15 -19.55 -4.26
C GLY A 287 11.07 -18.41 -3.88
N ASP A 288 10.67 -17.17 -4.16
CA ASP A 288 11.49 -16.00 -3.87
C ASP A 288 11.05 -15.37 -2.58
N PRO A 289 11.99 -15.06 -1.67
CA PRO A 289 11.63 -14.39 -0.41
C PRO A 289 11.20 -12.96 -0.68
N VAL A 290 9.94 -12.66 -0.35
CA VAL A 290 9.41 -11.30 -0.49
C VAL A 290 8.80 -10.87 0.84
N PRO A 291 8.85 -9.58 1.17
CA PRO A 291 8.21 -9.11 2.40
C PRO A 291 6.71 -8.97 2.23
N THR A 292 5.99 -9.23 3.32
CA THR A 292 4.55 -9.04 3.34
C THR A 292 4.15 -8.46 4.69
N PRO A 293 3.21 -7.52 4.72
CA PRO A 293 2.84 -6.88 5.98
C PRO A 293 1.91 -7.73 6.83
N LEU A 294 2.08 -7.60 8.13
CA LEU A 294 1.20 -8.25 9.10
C LEU A 294 0.44 -7.24 9.95
N ARG A 295 1.08 -6.17 10.40
CA ARG A 295 0.47 -5.17 11.25
C ARG A 295 0.80 -3.78 10.72
N HIS A 296 -0.13 -2.86 10.93
CA HIS A 296 0.02 -1.48 10.51
C HIS A 296 -0.61 -0.57 11.56
N TRP A 297 0.09 0.52 11.90
CA TRP A 297 -0.40 1.51 12.85
C TRP A 297 -0.19 2.90 12.27
N THR A 298 -1.01 3.84 12.75
CA THR A 298 -0.87 5.25 12.38
C THR A 298 -0.98 6.11 13.63
N LYS A 299 -0.22 7.21 13.64
CA LYS A 299 -0.30 8.21 14.70
C LYS A 299 -0.78 9.50 14.08
N ARG A 300 -1.95 9.97 14.53
CA ARG A 300 -2.58 11.14 13.95
C ARG A 300 -2.13 12.38 14.72
N ALA A 301 -1.49 13.32 14.03
CA ALA A 301 -1.12 14.58 14.65
C ALA A 301 -2.37 15.44 14.81
N LEU A 302 -2.38 16.29 15.84
CA LEU A 302 -1.24 16.49 16.74
C LEU A 302 -1.20 15.50 17.88
N PRO A 303 0.01 15.18 18.37
CA PRO A 303 1.29 15.69 17.85
C PRO A 303 1.81 14.92 16.65
N ALA A 304 2.68 15.55 15.86
CA ALA A 304 3.34 14.90 14.75
C ALA A 304 4.61 14.19 15.22
N TYR A 305 5.08 13.25 14.41
CA TYR A 305 6.28 12.49 14.72
C TYR A 305 7.21 12.54 13.51
N ASP A 306 8.36 13.18 13.69
CA ASP A 306 9.28 13.51 12.62
C ASP A 306 10.63 12.82 12.84
N GLY A 307 11.29 12.50 11.73
CA GLY A 307 12.62 11.90 11.79
C GLY A 307 12.69 10.61 12.56
N CYS A 308 11.76 9.70 12.28
CA CYS A 308 11.71 8.42 12.98
C CYS A 308 12.83 7.49 12.50
N ALA A 309 13.55 6.90 13.45
CA ALA A 309 14.54 5.87 13.19
C ALA A 309 13.99 4.51 13.59
N LEU A 310 14.39 3.48 12.85
CA LEU A 310 13.84 2.14 13.02
C LEU A 310 14.91 1.12 13.39
N ALA A 311 14.49 0.08 14.11
CA ALA A 311 15.31 -1.10 14.33
C ALA A 311 14.39 -2.27 14.65
N VAL A 312 14.84 -3.47 14.30
CA VAL A 312 14.12 -4.71 14.56
C VAL A 312 15.06 -5.67 15.28
N LYS A 313 14.59 -6.28 16.36
CA LYS A 313 15.39 -7.27 17.07
C LYS A 313 14.49 -8.36 17.63
N GLY A 314 14.71 -9.61 17.21
CA GLY A 314 13.97 -10.74 17.73
C GLY A 314 12.47 -10.64 17.63
N HIS A 315 11.95 -10.35 16.43
CA HIS A 315 10.53 -10.21 16.10
C HIS A 315 9.93 -8.92 16.67
N ALA A 316 10.71 -8.10 17.37
CA ALA A 316 10.26 -6.85 17.93
C ALA A 316 10.72 -5.69 17.05
N GLY A 317 9.90 -4.65 16.98
CA GLY A 317 10.24 -3.45 16.24
C GLY A 317 10.31 -2.24 17.15
N PHE A 318 11.19 -1.30 16.80
CA PHE A 318 11.41 -0.12 17.61
C PHE A 318 11.48 1.11 16.71
N ALA A 319 10.86 2.20 17.17
CA ALA A 319 10.85 3.46 16.44
C ALA A 319 11.12 4.60 17.41
N LEU A 320 12.04 5.48 17.04
CA LEU A 320 12.39 6.66 17.85
C LEU A 320 12.07 7.91 17.05
N CYS A 321 11.12 8.70 17.53
CA CYS A 321 10.60 9.84 16.79
C CYS A 321 10.65 11.10 17.65
N THR A 322 10.69 12.24 16.97
CA THR A 322 10.66 13.56 17.60
C THR A 322 9.23 14.06 17.63
N GLU A 323 8.71 14.31 18.82
CA GLU A 323 7.37 14.86 18.98
C GLU A 323 7.39 16.34 18.62
N THR A 324 6.62 16.72 17.60
CA THR A 324 6.64 18.10 17.12
C THR A 324 5.28 18.47 16.54
N SER A 325 5.11 19.77 16.31
CA SER A 325 3.95 20.31 15.61
C SER A 325 4.30 20.92 14.26
N VAL A 326 5.37 21.72 14.20
CA VAL A 326 5.71 22.47 12.99
C VAL A 326 7.05 22.03 12.39
N GLY A 327 7.67 20.97 12.92
CA GLY A 327 8.83 20.40 12.29
C GLY A 327 10.14 20.85 12.89
N PRO A 328 11.23 20.14 12.55
CA PRO A 328 12.52 20.41 13.22
C PRO A 328 13.14 21.74 12.85
N LEU A 329 13.01 22.17 11.60
CA LEU A 329 13.59 23.44 11.17
C LEU A 329 13.05 24.59 11.99
N ARG A 330 11.72 24.68 12.13
CA ARG A 330 11.13 25.74 12.94
C ARG A 330 11.35 25.50 14.43
N ASP A 331 11.41 24.24 14.87
CA ASP A 331 11.65 23.95 16.28
C ASP A 331 13.01 24.49 16.74
N ARG A 332 14.05 24.31 15.91
CA ARG A 332 15.37 24.82 16.27
C ARG A 332 15.38 26.33 16.30
N THR A 333 14.79 26.98 15.28
CA THR A 333 14.78 28.43 15.25
C THR A 333 13.99 29.00 16.41
N ALA A 334 12.88 28.34 16.79
CA ALA A 334 12.10 28.75 17.95
C ALA A 334 12.74 28.35 19.27
N LYS A 335 13.85 27.59 19.23
CA LYS A 335 14.57 27.17 20.42
C LYS A 335 13.69 26.31 21.34
N ARG A 336 12.93 25.40 20.73
CA ARG A 336 12.12 24.47 21.50
C ARG A 336 12.96 23.29 21.99
N LYS A 337 12.43 22.60 23.00
CA LYS A 337 13.06 21.41 23.57
C LYS A 337 12.08 20.26 23.38
N PRO A 338 12.16 19.53 22.27
CA PRO A 338 11.10 18.57 21.95
C PRO A 338 11.15 17.31 22.80
N ASN A 339 9.97 16.74 23.03
CA ASN A 339 9.90 15.37 23.51
C ASN A 339 10.31 14.42 22.41
N ILE A 340 10.90 13.29 22.82
CA ILE A 340 11.23 12.21 21.91
C ILE A 340 10.49 10.96 22.38
N VAL A 341 9.87 10.25 21.45
CA VAL A 341 9.00 9.13 21.78
C VAL A 341 9.59 7.85 21.22
N LEU A 342 9.73 6.84 22.08
CA LEU A 342 10.15 5.50 21.69
C LEU A 342 8.90 4.65 21.49
N PHE A 343 8.75 4.09 20.29
CA PHE A 343 7.65 3.19 19.97
C PHE A 343 8.15 1.75 19.96
N LYS A 344 7.43 0.87 20.65
CA LYS A 344 7.70 -0.56 20.68
C LYS A 344 6.57 -1.26 19.94
N ALA A 345 6.92 -1.94 18.85
CA ALA A 345 5.93 -2.62 18.01
C ALA A 345 6.23 -4.11 17.96
N SER A 346 5.20 -4.90 17.67
CA SER A 346 5.34 -6.33 17.57
C SER A 346 4.34 -6.89 16.57
N LEU A 347 4.60 -8.13 16.15
CA LEU A 347 3.81 -8.83 15.14
C LEU A 347 2.41 -9.17 15.64
N VAL A 348 2.15 -9.07 16.94
CA VAL A 348 0.84 -9.36 17.48
C VAL A 348 0.01 -8.09 17.67
N GLY A 349 0.51 -6.94 17.19
CA GLY A 349 -0.27 -5.73 17.15
C GLY A 349 -0.08 -4.75 18.27
N GLU A 350 0.97 -4.88 19.06
CA GLU A 350 1.18 -3.94 20.16
C GLU A 350 1.97 -2.75 19.67
N LEU A 351 1.59 -1.57 20.17
CA LEU A 351 2.36 -0.34 19.92
C LEU A 351 2.37 0.39 21.25
N SER A 352 3.49 0.33 21.96
CA SER A 352 3.65 1.00 23.23
C SER A 352 4.56 2.21 23.04
N GLU A 353 4.34 3.22 23.86
CA GLU A 353 5.07 4.46 23.75
C GLU A 353 5.67 4.83 25.10
N ARG A 354 6.89 5.37 25.06
CA ARG A 354 7.55 5.88 26.25
C ARG A 354 8.07 7.27 25.91
N VAL A 355 7.61 8.28 26.62
CA VAL A 355 8.02 9.65 26.34
C VAL A 355 9.39 9.88 26.99
N ILE A 356 10.29 10.48 26.23
CA ILE A 356 11.60 10.82 26.76
C ILE A 356 11.65 12.34 26.90
N PRO A 357 11.54 12.88 28.12
CA PRO A 357 11.60 14.34 28.28
C PRO A 357 12.95 14.88 27.88
N PRO A 358 13.02 16.13 27.43
CA PRO A 358 14.31 16.68 26.99
C PRO A 358 15.37 16.75 28.08
N GLN A 359 14.97 17.00 29.33
CA GLN A 359 15.93 17.09 30.42
C GLN A 359 16.44 15.74 30.90
N SER A 360 15.78 14.65 30.51
CA SER A 360 16.11 13.33 31.05
C SER A 360 17.36 12.72 30.42
N TRP A 361 17.78 13.20 29.25
CA TRP A 361 18.90 12.59 28.55
C TRP A 361 20.18 12.65 29.39
N LEU A 362 20.93 11.55 29.37
CA LEU A 362 22.23 11.49 30.03
C LEU A 362 23.32 11.86 29.01
N SER A 363 24.21 12.76 29.42
CA SER A 363 25.30 13.21 28.56
C SER A 363 26.43 13.73 29.44
N GLY A 364 27.65 13.67 28.91
CA GLY A 364 28.76 14.24 29.66
C GLY A 364 28.88 15.74 29.59
N PHE A 365 28.26 16.36 28.59
CA PHE A 365 28.24 17.82 28.48
C PHE A 365 26.80 18.31 28.43
N SER A 366 26.64 19.61 28.59
CA SER A 366 25.34 20.25 28.45
C SER A 366 25.03 20.54 26.99
N PHE A 367 23.75 20.49 26.66
CA PHE A 367 23.28 20.73 25.30
C PHE A 367 21.94 21.42 25.40
N PHE A 368 21.53 22.06 24.30
CA PHE A 368 20.25 22.76 24.33
C PHE A 368 19.08 21.80 24.10
N SER A 369 19.14 21.01 23.02
CA SER A 369 18.03 20.15 22.66
C SER A 369 18.53 18.96 21.86
N VAL A 370 17.71 17.91 21.81
CA VAL A 370 18.02 16.68 21.10
C VAL A 370 16.90 16.39 20.10
N TYR A 371 17.29 15.97 18.90
CA TYR A 371 16.34 15.60 17.85
C TYR A 371 16.68 14.21 17.31
N THR A 372 15.63 13.49 16.93
CA THR A 372 15.81 12.28 16.16
C THR A 372 15.94 12.63 14.68
N VAL A 373 16.49 11.69 13.92
CA VAL A 373 16.58 11.82 12.47
C VAL A 373 16.16 10.50 11.84
N ALA A 374 15.56 10.58 10.65
CA ALA A 374 15.13 9.38 9.94
C ALA A 374 16.33 8.54 9.55
N GLY A 375 16.16 7.23 9.60
CA GLY A 375 17.19 6.30 9.19
C GLY A 375 17.08 5.00 9.95
N LYS A 376 18.10 4.16 9.75
CA LYS A 376 18.13 2.83 10.33
C LYS A 376 19.02 2.80 11.56
N GLY A 377 18.57 2.07 12.59
CA GLY A 377 19.36 1.84 13.78
C GLY A 377 19.48 0.37 14.11
N TYR A 378 19.95 0.04 15.31
CA TYR A 378 20.06 -1.34 15.76
C TYR A 378 19.75 -1.41 17.24
N ALA A 379 19.26 -2.58 17.66
CA ALA A 379 18.95 -2.85 19.07
C ALA A 379 19.92 -3.91 19.57
N TYR A 380 20.83 -3.50 20.47
CA TYR A 380 21.78 -4.43 21.05
C TYR A 380 21.90 -4.20 22.55
N HIS A 381 21.84 -5.28 23.33
CA HIS A 381 22.05 -5.24 24.78
C HIS A 381 21.08 -4.28 25.47
N SER A 382 19.78 -4.55 25.28
CA SER A 382 18.70 -3.76 25.86
C SER A 382 18.78 -2.28 25.50
N LYS A 383 19.48 -1.93 24.43
CA LYS A 383 19.65 -0.56 24.01
C LYS A 383 19.28 -0.41 22.54
N PHE A 384 18.68 0.71 22.20
CA PHE A 384 18.30 1.08 20.85
C PHE A 384 19.22 2.21 20.40
N HIS A 385 20.13 1.90 19.47
CA HIS A 385 21.12 2.86 19.02
C HIS A 385 20.70 3.42 17.66
N ALA A 386 20.74 4.74 17.54
CA ALA A 386 20.35 5.40 16.29
C ALA A 386 21.04 6.75 16.20
N PHE A 387 21.08 7.28 14.98
CA PHE A 387 21.62 8.60 14.76
C PHE A 387 20.68 9.66 15.35
N GLY A 388 21.28 10.76 15.81
CA GLY A 388 20.52 11.88 16.33
C GLY A 388 21.18 13.20 15.96
N ASN A 389 20.44 14.28 16.18
CA ASN A 389 20.92 15.64 16.03
C ASN A 389 20.76 16.39 17.35
N VAL A 390 21.77 17.17 17.72
CA VAL A 390 21.78 17.90 18.97
C VAL A 390 22.14 19.35 18.72
N VAL A 391 21.40 20.27 19.33
CA VAL A 391 21.72 21.69 19.31
C VAL A 391 22.59 22.00 20.51
N ARG A 392 23.80 22.49 20.26
CA ARG A 392 24.76 22.71 21.35
C ARG A 392 25.64 23.90 21.01
N VAL A 393 26.05 24.63 22.04
CA VAL A 393 26.94 25.76 21.85
C VAL A 393 28.31 25.28 21.38
N GLY A 394 28.94 26.06 20.50
CA GLY A 394 30.24 25.68 20.02
C GLY A 394 31.32 25.81 21.08
N GLN A 395 32.31 24.94 20.99
CA GLN A 395 33.49 25.00 21.85
C GLN A 395 34.71 25.27 20.98
N SER A 396 35.71 25.93 21.58
CA SER A 396 36.87 26.39 20.82
C SER A 396 37.67 25.25 20.21
N GLU A 397 37.75 24.10 20.88
CA GLU A 397 38.65 23.04 20.44
C GLU A 397 38.23 22.41 19.12
N TYR A 398 36.93 22.45 18.80
CA TYR A 398 36.40 21.72 17.65
C TYR A 398 35.73 22.69 16.69
N GLN A 399 36.21 22.72 15.45
CA GLN A 399 35.67 23.57 14.39
C GLN A 399 34.99 22.70 13.34
N ALA A 400 34.30 23.37 12.41
CA ALA A 400 33.59 22.66 11.36
C ALA A 400 34.56 21.96 10.42
N LYS A 401 34.25 20.71 10.09
CA LYS A 401 34.95 20.03 9.00
C LYS A 401 34.69 20.79 7.70
N CYS A 402 35.75 21.06 6.96
CA CYS A 402 35.62 22.03 5.88
C CYS A 402 36.32 21.58 4.59
N ARG A 403 37.62 21.83 4.49
CA ARG A 403 38.34 21.54 3.27
C ARG A 403 38.53 20.03 3.10
N GLY A 404 38.37 19.56 1.87
CA GLY A 404 38.53 18.15 1.59
C GLY A 404 38.40 17.90 0.10
N THR A 405 38.34 16.62 -0.26
CA THR A 405 38.27 16.26 -1.68
C THR A 405 37.01 16.79 -2.34
N GLY A 406 35.94 16.98 -1.55
CA GLY A 406 34.71 17.54 -2.12
C GLY A 406 34.87 19.00 -2.51
N CYS A 407 35.45 19.81 -1.62
CA CYS A 407 35.66 21.23 -1.88
C CYS A 407 37.03 21.59 -1.32
N PRO A 408 38.09 21.43 -2.13
CA PRO A 408 39.45 21.66 -1.62
C PRO A 408 39.72 23.06 -1.11
N THR A 409 39.05 24.08 -1.66
CA THR A 409 39.29 25.46 -1.28
C THR A 409 38.17 26.02 -0.40
N ALA A 410 37.42 25.16 0.28
CA ALA A 410 36.31 25.62 1.10
C ALA A 410 36.81 26.58 2.18
N ASN A 411 36.00 27.58 2.49
CA ASN A 411 36.37 28.61 3.44
C ASN A 411 35.79 28.26 4.81
N GLN A 412 36.62 28.36 5.85
CA GLN A 412 36.24 27.91 7.18
C GLN A 412 35.02 28.66 7.71
N ASP A 413 34.93 29.97 7.43
CA ASP A 413 33.79 30.73 7.92
C ASP A 413 32.49 30.25 7.29
N ASP A 414 32.53 29.88 6.01
CA ASP A 414 31.33 29.35 5.36
C ASP A 414 30.95 27.98 5.92
N CYS A 415 31.95 27.17 6.26
CA CYS A 415 31.68 25.86 6.84
C CYS A 415 31.04 25.98 8.23
N ASN A 416 31.54 26.91 9.04
CA ASN A 416 30.96 27.13 10.37
C ASN A 416 29.53 27.65 10.24
N THR A 417 29.27 28.50 9.25
CA THR A 417 27.91 29.00 9.04
C THR A 417 26.97 27.86 8.65
N ALA A 418 27.45 26.93 7.83
CA ALA A 418 26.61 25.82 7.40
C ALA A 418 26.13 24.97 8.57
N GLN A 419 26.91 24.93 9.66
CA GLN A 419 26.55 24.17 10.85
C GLN A 419 25.82 25.01 11.89
N ARG A 420 25.84 26.34 11.79
CA ARG A 420 25.31 27.17 12.85
C ARG A 420 23.78 27.09 12.91
N VAL A 421 23.25 27.19 14.13
CA VAL A 421 21.81 27.24 14.36
C VAL A 421 21.39 28.66 14.71
N SER A 422 21.96 29.19 15.80
CA SER A 422 21.67 30.54 16.25
C SER A 422 22.97 31.33 16.35
N GLN A 423 23.04 32.45 15.62
CA GLN A 423 24.22 33.31 15.67
C GLN A 423 24.40 33.94 17.04
N GLU A 424 23.30 34.43 17.64
CA GLU A 424 23.40 35.10 18.94
C GLU A 424 23.82 34.14 20.04
N ASP A 425 23.24 32.95 20.06
CA ASP A 425 23.56 31.96 21.10
C ASP A 425 24.80 31.14 20.78
N ASN A 426 25.35 31.27 19.57
CA ASN A 426 26.52 30.49 19.14
C ASN A 426 26.29 28.99 19.29
N THR A 427 25.13 28.54 18.81
CA THR A 427 24.76 27.13 18.87
C THR A 427 24.93 26.50 17.49
N TYR A 428 25.35 25.25 17.48
CA TYR A 428 25.60 24.51 16.25
C TYR A 428 24.87 23.18 16.29
N LEU A 429 24.43 22.72 15.12
CA LEU A 429 23.70 21.46 15.01
C LEU A 429 24.70 20.32 14.94
N HIS A 430 24.72 19.47 15.95
CA HIS A 430 25.70 18.39 16.05
C HIS A 430 25.07 17.05 15.71
N GLN A 431 25.83 16.20 15.02
CA GLN A 431 25.46 14.81 14.87
C GLN A 431 25.70 14.08 16.19
N ALA A 432 24.83 13.13 16.50
CA ALA A 432 24.91 12.42 17.77
C ALA A 432 24.46 10.98 17.59
N ILE A 433 24.75 10.18 18.60
CA ILE A 433 24.28 8.79 18.67
C ILE A 433 23.40 8.68 19.91
N LEU A 434 22.16 8.24 19.70
CA LEU A 434 21.20 8.07 20.78
C LEU A 434 21.18 6.62 21.22
N SER A 435 21.38 6.39 22.51
CA SER A 435 21.34 5.06 23.10
C SER A 435 20.13 5.02 24.04
N VAL A 436 19.05 4.37 23.60
CA VAL A 436 17.75 4.43 24.26
C VAL A 436 17.47 3.09 24.93
N ASP A 437 17.04 3.12 26.18
CA ASP A 437 16.73 1.92 26.94
C ASP A 437 15.42 1.31 26.44
N ILE A 438 15.46 0.01 26.09
CA ILE A 438 14.28 -0.67 25.58
C ILE A 438 13.76 -1.74 26.53
N ASP A 439 14.40 -1.96 27.67
CA ASP A 439 13.90 -2.91 28.66
C ASP A 439 13.28 -2.26 29.87
N SER A 440 13.82 -1.14 30.34
CA SER A 440 13.34 -0.48 31.55
C SER A 440 12.34 0.62 31.18
N VAL A 441 11.15 0.56 31.78
CA VAL A 441 10.22 1.68 31.70
C VAL A 441 10.26 2.55 32.94
N ILE A 442 10.79 2.05 34.05
CA ILE A 442 10.97 2.82 35.28
C ILE A 442 12.45 3.14 35.43
N ASP A 443 12.76 4.41 35.63
CA ASP A 443 14.13 4.90 35.66
C ASP A 443 14.92 4.44 34.44
N PRO A 444 14.45 4.76 33.23
CA PRO A 444 15.15 4.32 32.02
C PRO A 444 16.45 5.08 31.82
N GLU A 445 17.43 4.39 31.26
CA GLU A 445 18.75 4.98 31.00
C GLU A 445 18.79 5.34 29.52
N ASP A 446 18.59 6.62 29.22
CA ASP A 446 18.62 7.13 27.85
C ASP A 446 19.80 8.06 27.71
N VAL A 447 20.69 7.75 26.78
CA VAL A 447 21.97 8.44 26.67
C VAL A 447 22.08 9.07 25.29
N VAL A 448 22.73 10.23 25.23
CA VAL A 448 23.04 10.90 23.98
C VAL A 448 24.55 11.05 23.92
N TYR A 449 25.15 10.56 22.84
CA TYR A 449 26.60 10.68 22.62
C TYR A 449 26.80 11.71 21.53
N VAL A 450 27.40 12.84 21.90
CA VAL A 450 27.57 13.95 20.98
C VAL A 450 28.87 13.75 20.21
N ILE A 451 28.80 13.92 18.89
CA ILE A 451 29.99 13.89 18.04
C ILE A 451 30.35 15.33 17.71
N GLU A 452 31.61 15.69 17.93
CA GLU A 452 32.04 17.06 17.72
C GLU A 452 31.98 17.40 16.23
N ARG A 453 31.71 18.68 15.95
CA ARG A 453 31.42 19.10 14.58
C ARG A 453 32.64 19.10 13.69
N ASP A 454 33.80 18.65 14.17
CA ASP A 454 34.95 18.43 13.33
C ASP A 454 34.92 17.09 12.61
N GLN A 455 33.91 16.25 12.88
CA GLN A 455 33.81 14.93 12.30
C GLN A 455 32.89 14.87 11.09
N TYR A 456 32.23 15.97 10.74
CA TYR A 456 31.26 15.96 9.65
C TYR A 456 31.11 17.38 9.11
N TYR A 457 30.89 17.48 7.79
CA TYR A 457 30.64 18.78 7.19
C TYR A 457 29.36 19.39 7.73
N GLN A 458 28.28 18.61 7.79
CA GLN A 458 27.02 19.05 8.33
C GLN A 458 26.30 17.88 8.98
N ALA A 459 25.55 18.17 10.05
CA ALA A 459 24.68 17.18 10.65
C ALA A 459 23.55 16.83 9.68
N SER A 460 23.13 15.57 9.72
CA SER A 460 22.13 15.10 8.77
C SER A 460 21.47 13.84 9.32
N ALA A 461 20.49 13.34 8.58
CA ALA A 461 19.94 12.02 8.85
C ALA A 461 20.93 10.95 8.42
N GLY A 462 20.76 9.75 8.96
CA GLY A 462 21.72 8.71 8.64
C GLY A 462 21.30 7.36 9.17
N ASP A 463 22.14 6.37 8.85
CA ASP A 463 21.91 4.98 9.20
C ASP A 463 23.09 4.43 9.98
N LEU A 464 22.80 3.63 11.00
CA LEU A 464 23.83 2.91 11.75
C LEU A 464 23.68 1.42 11.52
N TYR A 465 24.82 0.74 11.29
CA TYR A 465 24.86 -0.70 11.08
C TYR A 465 25.85 -1.31 12.06
N ARG A 466 25.46 -2.41 12.70
CA ARG A 466 26.32 -3.13 13.63
C ARG A 466 26.73 -4.46 13.02
N VAL A 467 28.03 -4.67 12.88
CA VAL A 467 28.55 -5.96 12.42
C VAL A 467 28.24 -6.99 13.50
N PRO A 468 27.48 -8.04 13.19
CA PRO A 468 27.02 -8.95 14.25
C PRO A 468 28.14 -9.63 15.01
N GLU A 469 29.18 -10.08 14.31
CA GLU A 469 30.24 -10.85 14.98
C GLU A 469 31.17 -9.96 15.79
N THR A 470 31.61 -8.83 15.21
CA THR A 470 32.64 -8.00 15.85
C THR A 470 32.08 -6.87 16.69
N GLY A 471 30.89 -6.38 16.39
CA GLY A 471 30.34 -5.26 17.11
C GLY A 471 30.79 -3.90 16.61
N GLU A 472 31.57 -3.85 15.53
CA GLU A 472 31.94 -2.57 14.94
C GLU A 472 30.71 -1.90 14.34
N ILE A 473 30.70 -0.57 14.39
CA ILE A 473 29.56 0.22 13.97
C ILE A 473 29.91 0.95 12.69
N LEU A 474 29.16 0.68 11.63
CA LEU A 474 29.28 1.39 10.37
C LEU A 474 28.14 2.40 10.24
N TYR A 475 28.36 3.44 9.45
CA TYR A 475 27.37 4.49 9.30
C TYR A 475 27.25 4.90 7.84
N ASN A 476 26.09 5.44 7.50
CA ASN A 476 25.82 6.09 6.22
C ASN A 476 25.18 7.43 6.51
N LEU A 477 25.95 8.51 6.33
CA LEU A 477 25.47 9.85 6.61
C LEU A 477 24.79 10.40 5.36
N HIS A 478 23.48 10.62 5.43
CA HIS A 478 22.74 11.09 4.27
C HIS A 478 23.11 12.54 3.95
N ASN A 479 22.77 12.94 2.73
CA ASN A 479 23.08 14.28 2.24
C ASN A 479 21.97 15.26 2.63
N GLY A 480 21.70 16.23 1.75
CA GLY A 480 20.81 17.32 2.07
C GLY A 480 21.51 18.60 2.45
N GLY A 481 22.83 18.57 2.57
CA GLY A 481 23.61 19.76 2.81
C GLY A 481 24.41 20.15 1.59
N TRP A 482 25.54 20.83 1.79
CA TRP A 482 26.36 21.24 0.66
C TRP A 482 27.28 20.14 0.17
N SER A 483 27.72 19.23 1.05
CA SER A 483 28.61 18.17 0.64
C SER A 483 27.88 17.19 -0.27
N ASN A 484 28.44 16.98 -1.47
CA ASN A 484 27.86 16.05 -2.43
C ASN A 484 28.60 14.71 -2.48
N GLU A 485 29.40 14.41 -1.45
CA GLU A 485 30.08 13.13 -1.36
C GLU A 485 29.14 12.06 -0.80
N VAL A 486 29.39 10.81 -1.20
CA VAL A 486 28.71 9.68 -0.59
C VAL A 486 29.39 9.40 0.75
N GLN A 487 28.69 9.71 1.84
CA GLN A 487 29.29 9.73 3.17
C GLN A 487 28.98 8.41 3.88
N VAL A 488 29.99 7.54 3.97
CA VAL A 488 29.94 6.31 4.73
C VAL A 488 31.23 6.20 5.54
N GLY A 489 31.19 5.33 6.55
CA GLY A 489 32.39 5.15 7.37
C GLY A 489 32.11 4.27 8.58
N ARG A 490 33.03 4.34 9.53
CA ARG A 490 32.95 3.56 10.76
C ARG A 490 32.95 4.49 11.96
N ILE A 491 32.10 4.19 12.94
CA ILE A 491 32.06 4.93 14.20
C ILE A 491 33.11 4.34 15.13
N GLN A 492 34.10 5.13 15.50
CA GLN A 492 35.14 4.66 16.42
C GLN A 492 35.05 5.41 17.73
N PRO A 493 34.53 4.81 18.80
CA PRO A 493 34.55 5.46 20.12
C PRO A 493 35.88 5.22 20.82
N SER A 494 36.65 6.29 20.99
CA SER A 494 37.90 6.23 21.73
C SER A 494 37.91 7.30 22.80
N ASP A 495 38.91 8.19 22.78
CA ASP A 495 38.89 9.36 23.65
C ASP A 495 37.65 10.21 23.39
N ARG A 496 37.16 10.19 22.16
CA ARG A 496 35.87 10.78 21.82
C ARG A 496 35.31 10.02 20.63
N PHE A 497 34.08 10.36 20.24
CA PHE A 497 33.43 9.67 19.14
C PHE A 497 33.92 10.23 17.81
N TYR A 498 34.61 9.41 17.04
CA TYR A 498 35.10 9.77 15.72
C TYR A 498 34.25 9.11 14.65
N MET A 499 34.10 9.79 13.52
CA MET A 499 33.48 9.22 12.34
C MET A 499 34.60 8.99 11.34
N ARG A 500 35.13 7.78 11.30
CA ARG A 500 36.23 7.45 10.39
C ARG A 500 35.64 7.20 9.00
N GLU A 501 35.86 8.15 8.10
CA GLU A 501 35.33 8.09 6.75
C GLU A 501 35.92 6.92 5.98
N ILE A 502 35.08 6.26 5.17
CA ILE A 502 35.48 5.18 4.29
C ILE A 502 35.20 5.60 2.85
N GLN A 503 36.18 5.41 1.97
CA GLN A 503 36.05 5.77 0.56
C GLN A 503 35.29 4.66 -0.16
N LEU A 504 34.01 4.88 -0.41
CA LEU A 504 33.17 3.90 -1.08
C LEU A 504 33.06 4.16 -2.58
N THR A 505 32.78 5.40 -2.97
CA THR A 505 32.66 5.75 -4.38
C THR A 505 32.99 7.24 -4.56
N SER A 506 33.54 7.56 -5.72
CA SER A 506 33.83 8.95 -6.08
C SER A 506 32.68 9.60 -6.83
N THR A 507 31.64 8.85 -7.17
CA THR A 507 30.47 9.43 -7.81
C THR A 507 29.79 10.42 -6.85
N ARG A 508 29.46 11.59 -7.38
CA ARG A 508 28.90 12.67 -6.56
C ARG A 508 27.38 12.65 -6.56
N VAL A 509 26.82 13.13 -5.47
CA VAL A 509 25.37 13.28 -5.36
C VAL A 509 24.95 14.52 -6.15
N PRO A 510 23.94 14.41 -7.02
CA PRO A 510 23.57 15.55 -7.86
C PRO A 510 22.77 16.59 -7.09
N ALA A 511 22.69 17.77 -7.69
CA ALA A 511 21.88 18.88 -7.21
C ALA A 511 20.49 18.82 -7.86
N PRO A 512 19.50 19.54 -7.30
CA PRO A 512 18.19 19.61 -7.95
C PRO A 512 18.29 20.22 -9.34
N ASN A 513 17.23 20.01 -10.13
CA ASN A 513 17.26 20.40 -11.54
C ASN A 513 17.45 21.90 -11.71
N GLY A 514 16.72 22.71 -10.95
CA GLY A 514 16.79 24.14 -11.14
C GLY A 514 18.03 24.85 -10.61
N CYS A 515 18.93 24.16 -9.92
CA CYS A 515 20.05 24.83 -9.28
C CYS A 515 21.24 24.91 -10.23
N ASN A 516 21.71 26.14 -10.47
CA ASN A 516 22.87 26.40 -11.33
C ASN A 516 24.02 27.01 -10.55
N ARG A 517 23.98 26.96 -9.22
CA ARG A 517 25.03 27.52 -8.37
C ARG A 517 26.17 26.51 -8.24
N VAL A 518 27.14 26.82 -7.36
CA VAL A 518 28.29 25.97 -7.17
C VAL A 518 27.85 24.63 -6.58
N LYS A 519 28.50 23.56 -7.02
CA LYS A 519 28.18 22.20 -6.59
C LYS A 519 29.22 21.73 -5.59
N GLY A 520 28.76 21.15 -4.49
CA GLY A 520 29.66 20.53 -3.53
C GLY A 520 30.56 21.48 -2.75
N CYS A 521 30.13 22.72 -2.54
CA CYS A 521 30.86 23.69 -1.74
C CYS A 521 29.84 24.44 -0.87
N PRO A 522 30.27 24.97 0.28
CA PRO A 522 29.30 25.42 1.30
C PRO A 522 28.32 26.51 0.87
N GLY A 523 28.65 27.31 -0.14
CA GLY A 523 27.77 28.41 -0.49
C GLY A 523 26.85 28.19 -1.67
N GLY A 524 26.79 27.00 -2.24
CA GLY A 524 26.04 26.80 -3.47
C GLY A 524 24.83 25.88 -3.39
N CYS A 525 24.70 25.03 -4.41
CA CYS A 525 23.58 24.11 -4.50
C CYS A 525 23.56 23.12 -3.34
N VAL A 526 22.37 22.64 -3.02
CA VAL A 526 22.21 21.55 -2.08
C VAL A 526 22.45 20.23 -2.81
N ALA A 527 22.93 19.23 -2.08
CA ALA A 527 23.02 17.87 -2.59
C ALA A 527 21.80 17.09 -2.13
N VAL A 528 21.09 16.46 -3.08
CA VAL A 528 19.79 15.87 -2.79
C VAL A 528 19.90 14.77 -1.73
N ILE A 529 18.77 14.51 -1.06
CA ILE A 529 18.72 13.59 0.06
C ILE A 529 18.38 12.16 -0.35
N SER A 530 18.21 11.90 -1.64
CA SER A 530 17.80 10.57 -2.09
C SER A 530 18.80 9.45 -1.82
N PRO A 531 20.12 9.63 -1.96
CA PRO A 531 21.01 8.46 -1.87
C PRO A 531 21.01 7.83 -0.48
N ALA A 532 20.95 6.49 -0.48
CA ALA A 532 21.10 5.70 0.74
C ALA A 532 21.88 4.45 0.41
N PHE A 533 22.98 4.22 1.13
CA PHE A 533 23.88 3.10 0.85
C PHE A 533 23.96 2.20 2.07
N THR A 534 23.85 0.88 1.83
CA THR A 534 23.99 -0.12 2.88
C THR A 534 25.26 -0.92 2.67
N PRO A 535 25.94 -1.33 3.75
CA PRO A 535 27.18 -2.10 3.58
C PRO A 535 26.92 -3.57 3.29
N MET A 536 27.70 -4.10 2.35
CA MET A 536 27.71 -5.52 2.04
C MET A 536 28.98 -6.21 2.52
N HIS A 537 29.68 -5.58 3.47
CA HIS A 537 31.01 -6.00 3.88
C HIS A 537 31.24 -5.46 5.29
N PRO A 538 31.90 -6.20 6.17
CA PRO A 538 32.07 -5.72 7.56
C PRO A 538 32.87 -4.44 7.67
N GLU A 539 33.66 -4.09 6.66
CA GLU A 539 34.41 -2.83 6.66
C GLU A 539 33.95 -1.89 5.57
N PHE A 540 32.74 -2.11 5.03
CA PHE A 540 32.15 -1.27 4.00
C PHE A 540 33.00 -1.27 2.72
N ASN A 541 33.77 -2.34 2.50
CA ASN A 541 34.50 -2.47 1.24
C ASN A 541 33.53 -2.57 0.06
N VAL A 542 32.34 -3.13 0.29
CA VAL A 542 31.32 -3.27 -0.73
C VAL A 542 30.04 -2.63 -0.22
N GLY A 543 29.38 -1.87 -1.09
CA GLY A 543 28.12 -1.24 -0.74
C GLY A 543 27.14 -1.30 -1.88
N VAL A 544 25.86 -1.32 -1.52
CA VAL A 544 24.76 -1.22 -2.46
C VAL A 544 23.88 -0.05 -2.04
N GLY A 545 23.48 0.77 -3.00
CA GLY A 545 22.68 1.94 -2.69
C GLY A 545 21.61 2.19 -3.74
N ILE A 546 20.59 2.93 -3.32
CA ILE A 546 19.59 3.49 -4.22
C ILE A 546 19.96 4.94 -4.49
N PHE A 547 20.02 5.31 -5.77
CA PHE A 547 20.69 6.52 -6.22
C PHE A 547 19.89 7.17 -7.34
N PRO A 548 19.87 8.50 -7.40
CA PRO A 548 19.20 9.18 -8.52
C PRO A 548 20.07 9.14 -9.77
N MET A 549 19.46 8.82 -10.91
CA MET A 549 20.17 8.71 -12.17
C MET A 549 19.51 9.62 -13.21
N ASN A 550 20.35 10.24 -14.04
CA ASN A 550 19.93 11.11 -15.14
C ASN A 550 19.27 12.38 -14.63
N GLN A 551 18.93 13.28 -15.55
CA GLN A 551 18.37 14.58 -15.16
C GLN A 551 17.05 14.47 -14.41
N PRO A 552 16.10 13.61 -14.76
CA PRO A 552 14.88 13.48 -13.94
C PRO A 552 15.10 12.81 -12.59
N HIS A 553 16.34 12.44 -12.24
CA HIS A 553 16.64 11.72 -11.00
C HIS A 553 15.85 10.42 -10.91
N ASN A 554 15.92 9.62 -11.97
CA ASN A 554 15.25 8.33 -11.96
C ASN A 554 15.84 7.45 -10.85
N PRO A 555 15.02 6.59 -10.24
CA PRO A 555 15.56 5.67 -9.24
C PRO A 555 16.49 4.65 -9.88
N SER A 556 17.59 4.35 -9.20
CA SER A 556 18.58 3.43 -9.74
C SER A 556 19.27 2.72 -8.58
N ILE A 557 19.97 1.63 -8.92
CA ILE A 557 20.70 0.81 -7.96
C ILE A 557 22.16 0.83 -8.36
N MET A 558 23.05 1.12 -7.40
CA MET A 558 24.47 1.22 -7.63
C MET A 558 25.21 0.22 -6.76
N HIS A 559 26.12 -0.53 -7.37
CA HIS A 559 26.93 -1.53 -6.69
C HIS A 559 28.39 -1.10 -6.83
N VAL A 560 29.04 -0.82 -5.70
CA VAL A 560 30.40 -0.28 -5.71
C VAL A 560 31.27 -1.07 -4.73
N GLN A 561 32.52 -1.30 -5.12
CA GLN A 561 33.50 -1.98 -4.27
C GLN A 561 34.79 -1.18 -4.29
N GLN A 562 35.11 -0.52 -3.18
CA GLN A 562 36.35 0.23 -3.00
C GLN A 562 36.62 1.16 -4.19
N GLN A 563 35.63 2.00 -4.48
CA GLN A 563 35.65 3.01 -5.54
C GLN A 563 35.59 2.42 -6.95
N THR A 564 35.31 1.12 -7.07
CA THR A 564 35.06 0.51 -8.37
C THR A 564 33.55 0.31 -8.52
N GLU A 565 32.98 0.87 -9.57
CA GLU A 565 31.55 0.72 -9.83
C GLU A 565 31.31 -0.64 -10.48
N LEU A 566 30.63 -1.53 -9.77
CA LEU A 566 30.31 -2.84 -10.33
C LEU A 566 29.13 -2.76 -11.29
N PHE A 567 28.08 -2.02 -10.92
CA PHE A 567 27.04 -1.67 -11.86
C PHE A 567 26.31 -0.44 -11.35
N TRP A 568 25.62 0.24 -12.27
CA TRP A 568 24.75 1.37 -11.96
C TRP A 568 23.56 1.26 -12.90
N LYS A 569 22.46 0.69 -12.41
CA LYS A 569 21.35 0.37 -13.27
C LYS A 569 20.09 1.11 -12.84
N PRO A 570 19.33 1.67 -13.79
CA PRO A 570 18.07 2.33 -13.44
C PRO A 570 16.95 1.33 -13.20
N ILE A 571 16.09 1.63 -12.22
CA ILE A 571 14.89 0.84 -12.03
C ILE A 571 13.87 1.16 -13.11
N VAL A 572 13.67 2.46 -13.40
CA VAL A 572 12.83 2.91 -14.50
C VAL A 572 13.45 4.18 -15.06
N GLY A 573 13.09 4.50 -16.29
CA GLY A 573 13.52 5.72 -16.95
C GLY A 573 12.41 6.74 -17.00
N GLY A 574 12.32 7.45 -18.12
CA GLY A 574 11.25 8.42 -18.25
C GLY A 574 11.38 9.56 -17.27
N ASN A 575 10.23 10.05 -16.80
CA ASN A 575 10.15 11.23 -15.95
C ASN A 575 9.86 10.91 -14.49
N ILE A 576 10.01 9.64 -14.07
CA ILE A 576 9.83 9.29 -12.68
C ILE A 576 11.01 9.81 -11.87
N THR A 577 10.72 10.59 -10.83
CA THR A 577 11.75 11.28 -10.06
C THR A 577 11.84 10.71 -8.66
N LEU A 578 13.04 10.34 -8.25
CA LEU A 578 13.26 9.84 -6.89
C LEU A 578 13.48 11.00 -5.92
N HIS A 579 12.83 10.90 -4.76
CA HIS A 579 12.95 11.91 -3.72
C HIS A 579 13.69 11.39 -2.49
N GLU A 580 13.22 10.30 -1.89
CA GLU A 580 13.88 9.69 -0.74
C GLU A 580 13.89 8.19 -0.92
N SER A 581 14.80 7.53 -0.20
CA SER A 581 14.93 6.09 -0.32
C SER A 581 15.55 5.52 0.96
N SER A 582 15.29 4.25 1.18
CA SER A 582 15.92 3.48 2.24
C SER A 582 16.04 2.04 1.75
N ILE A 583 17.16 1.39 2.07
CA ILE A 583 17.47 0.09 1.51
C ILE A 583 17.88 -0.86 2.64
N ALA A 584 17.39 -2.09 2.57
CA ALA A 584 17.75 -3.15 3.53
C ALA A 584 18.14 -4.38 2.74
N CYS A 585 19.41 -4.78 2.83
CA CYS A 585 19.91 -5.98 2.19
C CYS A 585 20.22 -7.05 3.22
N TYR A 586 19.89 -8.29 2.89
CA TYR A 586 20.08 -9.40 3.81
C TYR A 586 20.51 -10.63 3.03
N SER A 587 20.83 -11.67 3.77
CA SER A 587 21.24 -12.94 3.19
C SER A 587 20.46 -14.07 3.83
N THR A 588 20.35 -15.18 3.10
CA THR A 588 19.60 -16.31 3.62
C THR A 588 20.50 -17.12 4.55
N VAL A 589 19.91 -18.12 5.21
CA VAL A 589 20.61 -18.95 6.17
C VAL A 589 20.46 -20.40 5.73
N PRO A 590 21.46 -20.97 5.05
CA PRO A 590 22.75 -20.38 4.65
C PRO A 590 22.65 -19.41 3.48
N PRO A 591 23.67 -18.56 3.31
CA PRO A 591 23.66 -17.60 2.21
C PRO A 591 23.63 -18.28 0.85
N ASN A 592 22.93 -17.65 -0.09
CA ASN A 592 23.03 -18.04 -1.48
C ASN A 592 24.45 -17.73 -1.97
N PRO A 593 25.15 -18.69 -2.57
CA PRO A 593 26.54 -18.43 -2.99
C PRO A 593 26.67 -17.28 -3.98
N SER A 594 25.60 -16.91 -4.68
CA SER A 594 25.67 -15.90 -5.71
C SER A 594 24.87 -14.64 -5.41
N TYR A 595 23.83 -14.71 -4.59
CA TYR A 595 22.94 -13.56 -4.42
C TYR A 595 22.62 -13.31 -2.95
N ASP A 596 22.55 -12.03 -2.60
CA ASP A 596 21.84 -11.57 -1.43
C ASP A 596 20.52 -10.97 -1.88
N LEU A 597 19.66 -10.67 -0.93
CA LEU A 597 18.39 -10.03 -1.22
C LEU A 597 18.32 -8.65 -0.57
N CYS A 598 17.84 -7.68 -1.33
CA CYS A 598 17.67 -6.31 -0.86
C CYS A 598 16.21 -5.92 -1.01
N ILE A 599 15.71 -5.15 -0.05
CA ILE A 599 14.39 -4.53 -0.13
C ILE A 599 14.60 -3.03 -0.19
N GLY A 600 14.07 -2.40 -1.24
CA GLY A 600 14.17 -0.97 -1.41
C GLY A 600 12.79 -0.32 -1.31
N VAL A 601 12.69 0.69 -0.45
CA VAL A 601 11.50 1.52 -0.33
C VAL A 601 11.86 2.95 -0.72
N MET A 602 10.96 3.62 -1.44
CA MET A 602 11.26 4.92 -2.01
C MET A 602 10.02 5.81 -1.97
N THR A 603 10.26 7.11 -2.09
CA THR A 603 9.23 8.08 -2.40
C THR A 603 9.52 8.66 -3.77
N LEU A 604 8.54 8.59 -4.67
CA LEU A 604 8.74 8.94 -6.07
C LEU A 604 7.60 9.82 -6.56
N LEU A 605 7.94 10.74 -7.46
CA LEU A 605 6.94 11.55 -8.16
C LEU A 605 6.53 10.76 -9.40
N LEU A 606 5.41 10.03 -9.29
CA LEU A 606 4.99 9.14 -10.36
C LEU A 606 4.35 9.86 -11.53
N HIS A 607 3.61 10.93 -11.26
CA HIS A 607 2.90 11.67 -12.31
C HIS A 607 3.03 13.16 -12.06
N GLN A 608 3.07 13.93 -13.15
CA GLN A 608 3.15 15.38 -13.05
C GLN A 608 1.90 15.94 -12.39
N GLY A 609 2.10 16.93 -11.52
CA GLY A 609 0.99 17.53 -10.80
C GLY A 609 0.59 16.80 -9.54
N GLN A 610 1.23 15.69 -9.22
CA GLN A 610 0.97 14.93 -8.01
C GLN A 610 2.11 15.15 -7.02
N LEU A 611 2.17 14.31 -5.99
CA LEU A 611 3.14 14.43 -4.91
C LEU A 611 3.88 13.12 -4.74
N PRO A 612 5.04 13.13 -4.08
CA PRO A 612 5.84 11.91 -3.95
C PRO A 612 5.05 10.75 -3.37
N GLN A 613 5.19 9.58 -4.01
CA GLN A 613 4.44 8.39 -3.68
C GLN A 613 5.35 7.31 -3.12
N PHE A 614 4.83 6.54 -2.17
CA PHE A 614 5.56 5.40 -1.63
C PHE A 614 5.59 4.27 -2.65
N GLN A 615 6.78 3.75 -2.91
CA GLN A 615 6.95 2.56 -3.75
C GLN A 615 8.01 1.66 -3.13
N ALA A 616 7.88 0.37 -3.38
CA ALA A 616 8.81 -0.62 -2.84
C ALA A 616 9.10 -1.68 -3.89
N LEU A 617 10.24 -2.34 -3.74
CA LEU A 617 10.65 -3.42 -4.62
C LEU A 617 11.76 -4.20 -3.95
N SER A 618 11.91 -5.46 -4.35
CA SER A 618 13.01 -6.30 -3.91
C SER A 618 13.79 -6.80 -5.12
N TRP A 619 15.01 -7.26 -4.88
CA TRP A 619 15.81 -7.79 -5.98
C TRP A 619 16.92 -8.68 -5.44
N TYR A 620 17.36 -9.62 -6.28
CA TYR A 620 18.51 -10.45 -5.99
C TYR A 620 19.78 -9.63 -6.25
N GLN A 621 20.58 -9.42 -5.21
CA GLN A 621 21.76 -8.57 -5.30
C GLN A 621 22.99 -9.42 -5.59
N PRO A 622 23.70 -9.18 -6.69
CA PRO A 622 24.87 -10.01 -7.02
C PRO A 622 25.95 -9.93 -5.95
N THR A 623 26.40 -11.11 -5.51
CA THR A 623 27.53 -11.23 -4.59
C THR A 623 28.59 -12.19 -5.11
N MET A 624 28.54 -12.54 -6.40
CA MET A 624 29.47 -13.52 -6.95
C MET A 624 30.85 -12.89 -7.18
N CYS A 625 31.89 -13.69 -6.94
CA CYS A 625 33.25 -13.23 -7.16
C CYS A 625 33.59 -13.20 -8.65
N ASN A 626 34.56 -12.37 -9.00
CA ASN A 626 35.06 -12.32 -10.37
C ASN A 626 36.36 -13.10 -10.49
N ALA B 194 -2.45 4.88 21.86
CA ALA B 194 -3.52 5.65 21.25
C ALA B 194 -3.34 5.74 19.74
N TYR B 195 -4.04 4.89 19.02
CA TYR B 195 -3.98 4.82 17.57
C TYR B 195 -5.30 4.30 17.05
N PRO B 196 -5.59 4.45 15.76
CA PRO B 196 -6.81 3.87 15.19
C PRO B 196 -6.88 2.37 15.48
N ASN B 197 -7.97 1.95 16.10
CA ASN B 197 -8.15 0.53 16.42
C ASN B 197 -9.64 0.22 16.36
N ALA B 198 -9.99 -0.98 16.84
CA ALA B 198 -11.36 -1.46 16.72
C ALA B 198 -12.33 -0.61 17.53
N LEU B 199 -12.03 -0.37 18.81
CA LEU B 199 -12.91 0.42 19.64
C LEU B 199 -12.80 1.92 19.41
N TYR B 200 -11.73 2.42 18.77
CA TYR B 200 -11.57 3.85 18.56
C TYR B 200 -11.70 4.16 17.08
N LYS B 201 -12.91 3.99 16.57
CA LYS B 201 -13.25 4.15 15.16
C LYS B 201 -14.56 4.92 15.06
N ILE B 202 -14.80 5.51 13.89
CA ILE B 202 -16.03 6.26 13.68
C ILE B 202 -17.15 5.29 13.37
N ARG B 203 -18.33 5.55 13.94
CA ARG B 203 -19.51 4.76 13.63
C ARG B 203 -20.07 5.13 12.26
N THR B 204 -20.48 4.13 11.49
CA THR B 204 -21.02 4.37 10.16
C THR B 204 -22.27 3.51 9.96
N GLN B 205 -23.01 3.86 8.90
CA GLN B 205 -24.23 3.14 8.54
C GLN B 205 -24.36 3.15 7.02
N ASP B 206 -25.07 2.15 6.50
CA ASP B 206 -25.18 1.96 5.07
C ASP B 206 -25.80 3.17 4.39
N SER B 207 -25.27 3.51 3.21
CA SER B 207 -25.82 4.62 2.43
C SER B 207 -27.09 4.24 1.67
N TRP B 208 -27.45 2.96 1.64
CA TRP B 208 -28.71 2.52 1.05
C TRP B 208 -29.78 2.29 2.11
N SER B 209 -29.54 2.72 3.35
CA SER B 209 -30.56 2.72 4.39
C SER B 209 -31.81 3.45 3.93
N VAL B 210 -32.95 3.09 4.51
CA VAL B 210 -34.20 3.79 4.20
C VAL B 210 -34.18 5.23 4.67
N THR B 211 -33.24 5.59 5.54
CA THR B 211 -33.09 6.98 5.98
C THR B 211 -32.41 7.85 4.93
N ALA B 212 -32.05 7.30 3.77
CA ALA B 212 -31.41 8.10 2.73
C ALA B 212 -32.41 9.09 2.14
N LYS B 213 -31.86 10.09 1.44
CA LYS B 213 -32.67 11.13 0.83
C LYS B 213 -33.65 10.54 -0.18
N GLU B 214 -34.89 11.04 -0.14
CA GLU B 214 -35.90 10.73 -1.14
C GLU B 214 -36.08 11.87 -2.14
N CYS B 215 -35.57 13.06 -1.84
CA CYS B 215 -35.79 14.24 -2.65
C CYS B 215 -35.08 14.14 -4.00
N PRO B 216 -35.45 15.00 -4.95
CA PRO B 216 -34.61 15.19 -6.15
C PRO B 216 -33.31 15.87 -5.76
N LEU B 217 -32.19 15.24 -6.10
CA LEU B 217 -30.90 15.65 -5.58
C LEU B 217 -30.29 16.80 -6.37
N GLN B 218 -29.46 17.58 -5.67
CA GLN B 218 -28.63 18.59 -6.31
C GLN B 218 -27.65 17.96 -7.31
N ALA B 219 -27.54 18.58 -8.48
CA ALA B 219 -26.45 18.26 -9.39
C ALA B 219 -25.22 19.05 -8.94
N PHE B 220 -24.25 18.34 -8.36
CA PHE B 220 -23.08 18.98 -7.74
C PHE B 220 -22.12 19.44 -8.83
N GLN B 221 -22.05 20.76 -9.04
CA GLN B 221 -21.17 21.35 -10.05
C GLN B 221 -19.71 21.48 -9.62
N PRO B 222 -19.39 21.89 -8.38
CA PRO B 222 -17.97 22.05 -8.02
C PRO B 222 -17.23 20.72 -8.04
N ASN B 223 -15.90 20.83 -8.01
CA ASN B 223 -15.07 19.64 -7.91
C ASN B 223 -15.26 18.97 -6.56
N LEU B 224 -15.15 17.64 -6.56
CA LEU B 224 -15.32 16.88 -5.35
C LEU B 224 -14.10 17.04 -4.43
N ASN B 225 -14.33 16.86 -3.14
CA ASN B 225 -13.27 16.88 -2.13
C ASN B 225 -12.73 15.45 -1.99
N LEU B 226 -11.66 15.15 -2.71
CA LEU B 226 -11.06 13.83 -2.64
C LEU B 226 -10.10 13.76 -1.46
N ILE B 227 -10.37 12.85 -0.54
CA ILE B 227 -9.62 12.73 0.71
C ILE B 227 -8.91 11.38 0.68
N PRO B 228 -7.89 11.19 1.53
CA PRO B 228 -7.05 10.00 1.40
C PRO B 228 -7.79 8.70 1.69
N ALA B 229 -7.22 7.61 1.16
CA ALA B 229 -7.59 6.24 1.50
C ALA B 229 -6.30 5.43 1.37
N MET B 230 -5.43 5.57 2.37
CA MET B 230 -4.13 4.91 2.37
C MET B 230 -4.30 3.48 2.89
N ILE B 231 -4.84 2.63 2.02
CA ILE B 231 -5.13 1.25 2.35
C ILE B 231 -4.47 0.37 1.30
N GLY B 232 -4.60 -0.94 1.47
CA GLY B 232 -3.91 -1.86 0.59
C GLY B 232 -2.40 -1.75 0.77
N THR B 233 -1.68 -2.06 -0.30
CA THR B 233 -0.22 -1.98 -0.28
C THR B 233 0.27 -1.38 -1.59
N ALA B 234 1.54 -1.01 -1.62
CA ALA B 234 2.20 -0.80 -2.90
C ALA B 234 2.21 -2.11 -3.65
N THR B 235 2.02 -2.04 -4.97
CA THR B 235 1.84 -3.25 -5.77
C THR B 235 2.81 -3.29 -6.94
N GLY B 236 4.06 -2.87 -6.71
CA GLY B 236 5.09 -2.97 -7.71
C GLY B 236 4.83 -2.16 -8.97
N ALA B 237 4.60 -0.86 -8.80
CA ALA B 237 4.33 0.01 -9.93
C ALA B 237 5.51 0.11 -10.89
N LEU B 238 6.71 -0.25 -10.44
CA LEU B 238 7.92 -0.13 -11.26
C LEU B 238 8.48 -1.47 -11.73
N ILE B 239 7.89 -2.59 -11.32
CA ILE B 239 8.51 -3.90 -11.57
C ILE B 239 7.53 -4.86 -12.22
N ARG B 240 6.54 -4.32 -12.94
CA ARG B 240 5.58 -5.11 -13.71
C ARG B 240 4.89 -6.17 -12.87
N ASN B 241 4.13 -5.70 -11.88
CA ASN B 241 3.23 -6.55 -11.11
C ASN B 241 1.79 -6.13 -11.41
N CYS B 242 0.91 -7.12 -11.50
CA CYS B 242 -0.48 -6.89 -11.87
C CYS B 242 -1.40 -7.20 -10.69
N VAL B 243 -2.47 -6.40 -10.57
CA VAL B 243 -3.46 -6.55 -9.52
C VAL B 243 -4.83 -6.71 -10.15
N ARG B 244 -5.62 -7.65 -9.64
CA ARG B 244 -6.92 -7.97 -10.21
C ARG B 244 -7.95 -8.16 -9.10
N GLN B 245 -9.22 -8.15 -9.51
CA GLN B 245 -10.36 -8.46 -8.65
C GLN B 245 -10.38 -7.68 -7.34
N PRO B 246 -10.36 -6.35 -7.39
CA PRO B 246 -10.42 -5.57 -6.15
C PRO B 246 -11.86 -5.48 -5.62
N VAL B 247 -12.00 -5.66 -4.32
CA VAL B 247 -13.30 -5.55 -3.64
C VAL B 247 -13.09 -4.81 -2.33
N ILE B 248 -14.02 -3.90 -2.01
CA ILE B 248 -14.04 -3.19 -0.74
C ILE B 248 -15.44 -3.30 -0.14
N VAL B 249 -15.50 -3.52 1.18
CA VAL B 249 -16.77 -3.59 1.91
C VAL B 249 -16.59 -2.87 3.23
N VAL B 250 -17.64 -2.17 3.67
CA VAL B 250 -17.62 -1.35 4.88
C VAL B 250 -18.84 -1.71 5.73
N ASP B 251 -18.63 -1.82 7.04
CA ASP B 251 -19.75 -2.02 7.96
C ASP B 251 -19.39 -1.40 9.31
N ASP B 252 -20.13 -0.35 9.68
CA ASP B 252 -20.01 0.33 10.97
C ASP B 252 -18.55 0.67 11.30
N GLY B 253 -17.92 1.40 10.38
CA GLY B 253 -16.57 1.87 10.60
C GLY B 253 -15.48 0.83 10.45
N VAL B 254 -15.80 -0.36 9.95
CA VAL B 254 -14.82 -1.42 9.71
C VAL B 254 -14.86 -1.79 8.24
N TYR B 255 -13.68 -1.98 7.64
CA TYR B 255 -13.61 -2.34 6.24
C TYR B 255 -12.81 -3.62 6.05
N MET B 256 -13.09 -4.31 4.94
CA MET B 256 -12.30 -5.44 4.48
C MET B 256 -12.02 -5.26 3.01
N LEU B 257 -10.78 -5.57 2.61
CA LEU B 257 -10.32 -5.35 1.25
C LEU B 257 -9.65 -6.62 0.73
N THR B 258 -9.77 -6.85 -0.57
CA THR B 258 -9.12 -7.97 -1.20
C THR B 258 -8.73 -7.61 -2.62
N TYR B 259 -7.69 -8.31 -3.11
CA TYR B 259 -7.28 -8.20 -4.50
C TYR B 259 -6.36 -9.38 -4.79
N LEU B 260 -6.09 -9.58 -6.08
CA LEU B 260 -5.29 -10.71 -6.56
C LEU B 260 -4.05 -10.16 -7.26
N ALA B 261 -2.87 -10.57 -6.80
CA ALA B 261 -1.59 -10.05 -7.28
C ALA B 261 -0.86 -11.10 -8.10
N MET B 262 -0.25 -10.68 -9.20
CA MET B 262 0.49 -11.56 -10.08
C MET B 262 1.79 -10.89 -10.49
N ARG B 263 2.71 -11.70 -11.02
CA ARG B 263 4.04 -11.27 -11.41
C ARG B 263 4.20 -11.39 -12.92
N GLY B 264 4.52 -10.27 -13.58
CA GLY B 264 4.88 -10.28 -14.98
C GLY B 264 3.73 -10.31 -15.96
N SER B 265 2.52 -10.64 -15.51
CA SER B 265 1.36 -10.66 -16.39
C SER B 265 0.11 -10.68 -15.51
N CYS B 266 -1.04 -10.50 -16.16
CA CYS B 266 -2.33 -10.52 -15.48
C CYS B 266 -3.07 -11.84 -15.68
N GLN B 267 -2.39 -12.86 -16.18
CA GLN B 267 -2.99 -14.17 -16.43
C GLN B 267 -2.08 -15.27 -15.90
N ASP B 268 -1.89 -15.29 -14.58
CA ASP B 268 -1.00 -16.26 -13.94
C ASP B 268 -1.60 -16.64 -12.58
N HIS B 269 -2.71 -17.36 -12.60
CA HIS B 269 -3.32 -17.85 -11.36
C HIS B 269 -2.36 -18.78 -10.61
N GLN B 270 -1.60 -19.59 -11.35
CA GLN B 270 -0.74 -20.59 -10.73
C GLN B 270 0.31 -19.98 -9.83
N LYS B 271 0.79 -18.78 -10.17
CA LYS B 271 1.81 -18.08 -9.39
C LYS B 271 1.26 -16.80 -8.77
N SER B 272 -0.03 -16.77 -8.45
CA SER B 272 -0.66 -15.56 -7.94
C SER B 272 -0.60 -15.52 -6.41
N VAL B 273 -0.91 -14.35 -5.87
CA VAL B 273 -1.02 -14.15 -4.42
C VAL B 273 -2.36 -13.46 -4.14
N ARG B 274 -3.12 -14.01 -3.20
CA ARG B 274 -4.42 -13.49 -2.83
C ARG B 274 -4.28 -12.70 -1.53
N HIS B 275 -4.65 -11.42 -1.57
CA HIS B 275 -4.47 -10.52 -0.45
C HIS B 275 -5.80 -10.27 0.26
N PHE B 276 -5.76 -10.27 1.59
CA PHE B 276 -6.87 -9.88 2.44
C PHE B 276 -6.41 -8.81 3.40
N GLU B 277 -7.29 -7.87 3.74
CA GLU B 277 -6.93 -6.77 4.62
C GLU B 277 -8.16 -6.28 5.37
N MET B 278 -7.95 -5.89 6.62
CA MET B 278 -9.02 -5.31 7.44
C MET B 278 -8.49 -4.10 8.17
N GLY B 279 -9.38 -3.12 8.36
CA GLY B 279 -9.03 -1.91 9.09
C GLY B 279 -10.27 -1.18 9.54
N VAL B 280 -10.07 0.07 9.96
CA VAL B 280 -11.13 0.89 10.53
C VAL B 280 -11.17 2.25 9.84
N ILE B 281 -12.31 2.91 9.96
CA ILE B 281 -12.51 4.27 9.46
C ILE B 281 -12.40 5.22 10.64
N THR B 282 -11.41 6.11 10.59
CA THR B 282 -11.12 7.00 11.71
C THR B 282 -10.94 8.42 11.21
N SER B 283 -11.17 9.38 12.12
CA SER B 283 -11.07 10.80 11.77
C SER B 283 -9.61 11.18 11.53
N ASP B 284 -9.34 11.78 10.38
CA ASP B 284 -7.98 12.13 10.01
C ASP B 284 -7.63 13.47 10.62
N PRO B 285 -6.39 13.96 10.48
CA PRO B 285 -6.05 15.27 11.07
C PRO B 285 -6.99 16.41 10.71
N PHE B 286 -7.60 16.39 9.54
CA PHE B 286 -8.53 17.44 9.14
C PHE B 286 -9.95 17.20 9.66
N GLY B 287 -10.17 16.14 10.43
CA GLY B 287 -11.51 15.78 10.85
C GLY B 287 -12.29 14.99 9.84
N ASP B 288 -11.62 14.45 8.80
CA ASP B 288 -12.28 13.68 7.75
C ASP B 288 -12.13 12.18 8.03
N PRO B 289 -13.22 11.42 7.97
CA PRO B 289 -13.12 9.97 8.17
C PRO B 289 -12.41 9.32 6.99
N VAL B 290 -11.29 8.68 7.26
CA VAL B 290 -10.53 7.98 6.22
C VAL B 290 -10.27 6.55 6.69
N PRO B 291 -10.18 5.58 5.78
CA PRO B 291 -9.85 4.22 6.18
C PRO B 291 -8.35 4.08 6.42
N THR B 292 -8.01 3.22 7.38
CA THR B 292 -6.61 2.89 7.65
C THR B 292 -6.50 1.41 7.96
N PRO B 293 -5.44 0.75 7.48
CA PRO B 293 -5.33 -0.71 7.66
C PRO B 293 -4.79 -1.08 9.04
N LEU B 294 -5.30 -2.18 9.55
CA LEU B 294 -4.84 -2.77 10.81
C LEU B 294 -4.22 -4.16 10.63
N ARG B 295 -4.81 -4.99 9.78
CA ARG B 295 -4.34 -6.35 9.56
C ARG B 295 -4.25 -6.62 8.06
N HIS B 296 -3.30 -7.48 7.69
CA HIS B 296 -3.12 -7.89 6.32
C HIS B 296 -2.69 -9.36 6.29
N TRP B 297 -3.30 -10.12 5.38
CA TRP B 297 -2.96 -11.52 5.18
C TRP B 297 -2.77 -11.79 3.70
N THR B 298 -1.98 -12.83 3.40
CA THR B 298 -1.77 -13.25 2.01
C THR B 298 -1.88 -14.77 1.94
N LYS B 299 -2.40 -15.24 0.81
CA LYS B 299 -2.47 -16.66 0.51
C LYS B 299 -1.60 -16.95 -0.71
N ARG B 300 -0.59 -17.79 -0.52
CA ARG B 300 0.40 -18.07 -1.55
C ARG B 300 -0.03 -19.28 -2.38
N ALA B 301 -0.17 -19.07 -3.69
CA ALA B 301 -0.47 -20.19 -4.58
C ALA B 301 0.76 -21.06 -4.77
N LEU B 302 0.55 -22.37 -4.94
CA LEU B 302 -0.77 -23.00 -5.04
C LEU B 302 -1.30 -23.39 -3.65
N PRO B 303 -2.64 -23.44 -3.49
CA PRO B 303 -3.63 -23.10 -4.52
C PRO B 303 -3.94 -21.61 -4.63
N ALA B 304 -4.46 -21.20 -5.77
CA ALA B 304 -4.92 -19.84 -5.97
C ALA B 304 -6.37 -19.71 -5.49
N TYR B 305 -6.78 -18.47 -5.25
CA TYR B 305 -8.14 -18.18 -4.81
C TYR B 305 -8.72 -17.09 -5.71
N ASP B 306 -9.75 -17.45 -6.46
CA ASP B 306 -10.30 -16.61 -7.51
C ASP B 306 -11.73 -16.21 -7.18
N GLY B 307 -12.10 -15.01 -7.63
CA GLY B 307 -13.46 -14.52 -7.49
C GLY B 307 -13.92 -14.43 -6.05
N CYS B 308 -13.10 -13.85 -5.18
CA CYS B 308 -13.43 -13.74 -3.77
C CYS B 308 -14.51 -12.68 -3.57
N ALA B 309 -15.56 -13.04 -2.83
CA ALA B 309 -16.57 -12.09 -2.38
C ALA B 309 -16.35 -11.78 -0.91
N LEU B 310 -16.63 -10.54 -0.52
CA LEU B 310 -16.32 -10.05 0.80
C LEU B 310 -17.58 -9.68 1.57
N ALA B 311 -17.49 -9.79 2.90
CA ALA B 311 -18.53 -9.27 3.77
C ALA B 311 -17.90 -8.96 5.13
N VAL B 312 -18.45 -7.93 5.78
CA VAL B 312 -17.99 -7.47 7.09
C VAL B 312 -19.19 -7.38 8.01
N LYS B 313 -19.04 -7.89 9.23
CA LYS B 313 -20.05 -7.76 10.27
C LYS B 313 -19.31 -7.53 11.59
N GLY B 314 -19.62 -6.41 12.24
CA GLY B 314 -18.91 -6.08 13.46
C GLY B 314 -17.43 -5.96 13.18
N HIS B 315 -16.63 -6.73 13.91
CA HIS B 315 -15.18 -6.73 13.74
C HIS B 315 -14.68 -7.94 12.97
N ALA B 316 -15.57 -8.79 12.48
CA ALA B 316 -15.19 -9.97 11.73
C ALA B 316 -15.34 -9.71 10.23
N GLY B 317 -14.43 -10.30 9.46
CA GLY B 317 -14.48 -10.22 8.01
C GLY B 317 -14.61 -11.60 7.41
N PHE B 318 -15.27 -11.68 6.26
CA PHE B 318 -15.51 -12.96 5.62
C PHE B 318 -15.21 -12.86 4.13
N ALA B 319 -14.57 -13.90 3.59
CA ALA B 319 -14.24 -13.97 2.18
C ALA B 319 -14.59 -15.36 1.68
N LEU B 320 -15.29 -15.43 0.54
CA LEU B 320 -15.66 -16.68 -0.10
C LEU B 320 -14.97 -16.75 -1.44
N CYS B 321 -14.06 -17.72 -1.59
CA CYS B 321 -13.19 -17.79 -2.76
C CYS B 321 -13.27 -19.16 -3.41
N THR B 322 -12.92 -19.20 -4.69
CA THR B 322 -12.87 -20.43 -5.46
C THR B 322 -11.44 -20.97 -5.45
N GLU B 323 -11.25 -22.16 -4.93
CA GLU B 323 -9.95 -22.82 -4.94
C GLU B 323 -9.68 -23.33 -6.35
N THR B 324 -8.62 -22.81 -6.98
CA THR B 324 -8.33 -23.16 -8.36
C THR B 324 -6.82 -23.09 -8.60
N SER B 325 -6.42 -23.60 -9.75
CA SER B 325 -5.04 -23.50 -10.23
C SER B 325 -4.91 -22.63 -11.48
N VAL B 326 -5.78 -22.83 -12.47
CA VAL B 326 -5.65 -22.18 -13.76
C VAL B 326 -6.84 -21.26 -14.07
N GLY B 327 -7.74 -21.05 -13.11
CA GLY B 327 -8.78 -20.06 -13.27
C GLY B 327 -10.12 -20.61 -13.73
N PRO B 328 -11.17 -19.78 -13.64
CA PRO B 328 -12.53 -20.30 -13.87
C PRO B 328 -12.82 -20.68 -15.30
N LEU B 329 -12.30 -19.93 -16.28
CA LEU B 329 -12.59 -20.27 -17.68
C LEU B 329 -12.12 -21.68 -18.02
N ARG B 330 -10.87 -22.01 -17.66
CA ARG B 330 -10.36 -23.34 -17.93
C ARG B 330 -11.01 -24.38 -17.03
N ASP B 331 -11.37 -24.00 -15.80
CA ASP B 331 -12.06 -24.94 -14.90
C ASP B 331 -13.39 -25.37 -15.49
N ARG B 332 -14.14 -24.43 -16.07
CA ARG B 332 -15.42 -24.77 -16.68
C ARG B 332 -15.22 -25.67 -17.90
N THR B 333 -14.26 -25.31 -18.76
CA THR B 333 -14.01 -26.09 -19.96
C THR B 333 -13.52 -27.49 -19.63
N ALA B 334 -12.69 -27.61 -18.59
CA ALA B 334 -12.22 -28.93 -18.16
C ALA B 334 -13.26 -29.69 -17.35
N LYS B 335 -14.40 -29.07 -17.05
CA LYS B 335 -15.49 -29.71 -16.31
C LYS B 335 -15.04 -30.11 -14.90
N ARG B 336 -14.30 -29.22 -14.24
CA ARG B 336 -13.90 -29.46 -12.86
C ARG B 336 -15.00 -29.04 -11.90
N LYS B 337 -14.93 -29.57 -10.68
CA LYS B 337 -15.85 -29.24 -9.59
C LYS B 337 -15.01 -28.63 -8.47
N PRO B 338 -14.85 -27.31 -8.45
CA PRO B 338 -13.87 -26.71 -7.54
C PRO B 338 -14.33 -26.72 -6.09
N ASN B 339 -13.35 -26.80 -5.20
CA ASN B 339 -13.61 -26.46 -3.80
C ASN B 339 -13.82 -24.96 -3.67
N ILE B 340 -14.64 -24.58 -2.70
CA ILE B 340 -14.84 -23.19 -2.33
C ILE B 340 -14.44 -23.03 -0.87
N VAL B 341 -13.70 -21.97 -0.57
CA VAL B 341 -13.11 -21.78 0.75
C VAL B 341 -13.71 -20.52 1.38
N LEU B 342 -14.19 -20.66 2.61
CA LEU B 342 -14.64 -19.54 3.41
C LEU B 342 -13.50 -19.13 4.34
N PHE B 343 -13.09 -17.87 4.25
CA PHE B 343 -12.06 -17.32 5.11
C PHE B 343 -12.73 -16.46 6.18
N LYS B 344 -12.35 -16.67 7.44
CA LYS B 344 -12.83 -15.87 8.55
C LYS B 344 -11.69 -15.03 9.10
N ALA B 345 -11.83 -13.72 9.03
CA ALA B 345 -10.84 -12.78 9.53
C ALA B 345 -11.50 -11.82 10.51
N SER B 346 -10.68 -11.24 11.39
CA SER B 346 -11.15 -10.23 12.33
C SER B 346 -10.00 -9.29 12.64
N LEU B 347 -10.33 -8.13 13.22
CA LEU B 347 -9.31 -7.12 13.43
C LEU B 347 -8.29 -7.52 14.50
N VAL B 348 -8.72 -8.26 15.53
CA VAL B 348 -7.81 -8.71 16.58
C VAL B 348 -7.66 -10.21 16.62
N GLY B 349 -8.25 -10.95 15.69
CA GLY B 349 -8.11 -12.39 15.65
C GLY B 349 -7.29 -12.92 14.49
N GLU B 350 -7.17 -14.24 14.46
CA GLU B 350 -6.43 -14.98 13.45
C GLU B 350 -7.31 -15.38 12.27
N LEU B 351 -6.70 -15.40 11.09
CA LEU B 351 -7.34 -15.83 9.84
C LEU B 351 -7.51 -17.35 9.81
N SER B 352 -8.76 -17.81 9.84
CA SER B 352 -9.10 -19.23 9.73
C SER B 352 -9.79 -19.51 8.39
N GLU B 353 -9.69 -20.76 7.93
CA GLU B 353 -10.28 -21.18 6.67
C GLU B 353 -11.14 -22.42 6.85
N ARG B 354 -12.25 -22.50 6.11
CA ARG B 354 -13.11 -23.67 6.09
C ARG B 354 -13.40 -24.07 4.65
N VAL B 355 -12.99 -25.27 4.26
CA VAL B 355 -13.15 -25.75 2.90
C VAL B 355 -14.56 -26.28 2.70
N ILE B 356 -15.18 -25.90 1.58
CA ILE B 356 -16.50 -26.40 1.21
C ILE B 356 -16.35 -27.33 0.01
N PRO B 357 -16.46 -28.65 0.19
CA PRO B 357 -16.33 -29.57 -0.94
C PRO B 357 -17.48 -29.36 -1.91
N PRO B 358 -17.28 -29.67 -3.20
CA PRO B 358 -18.37 -29.47 -4.18
C PRO B 358 -19.60 -30.30 -3.91
N GLN B 359 -19.44 -31.51 -3.37
CA GLN B 359 -20.58 -32.36 -3.08
C GLN B 359 -21.33 -31.96 -1.82
N SER B 360 -20.74 -31.11 -0.98
CA SER B 360 -21.33 -30.79 0.31
C SER B 360 -22.47 -29.78 0.21
N TRP B 361 -22.58 -29.04 -0.90
CA TRP B 361 -23.60 -28.01 -0.99
C TRP B 361 -25.01 -28.60 -0.91
N LEU B 362 -25.87 -27.95 -0.13
CA LEU B 362 -27.28 -28.29 -0.06
C LEU B 362 -28.03 -27.42 -1.04
N SER B 363 -28.91 -28.01 -1.83
CA SER B 363 -29.65 -27.20 -2.79
C SER B 363 -30.96 -27.87 -3.18
N GLY B 364 -31.92 -27.03 -3.55
CA GLY B 364 -33.18 -27.44 -4.15
C GLY B 364 -33.08 -27.76 -5.62
N PHE B 365 -31.96 -27.41 -6.26
CA PHE B 365 -31.74 -27.64 -7.67
C PHE B 365 -30.58 -28.62 -7.87
N SER B 366 -30.55 -29.23 -9.05
CA SER B 366 -29.40 -30.00 -9.48
C SER B 366 -28.48 -29.10 -10.30
N PHE B 367 -27.18 -29.29 -10.13
CA PHE B 367 -26.21 -28.51 -10.88
C PHE B 367 -24.90 -29.29 -11.00
N PHE B 368 -24.07 -28.88 -11.96
CA PHE B 368 -22.79 -29.54 -12.17
C PHE B 368 -21.73 -29.04 -11.20
N SER B 369 -21.55 -27.71 -11.12
CA SER B 369 -20.48 -27.14 -10.32
C SER B 369 -20.87 -25.76 -9.85
N VAL B 370 -20.18 -25.28 -8.81
CA VAL B 370 -20.41 -23.97 -8.21
C VAL B 370 -19.12 -23.17 -8.25
N TYR B 371 -19.22 -21.89 -8.62
CA TYR B 371 -18.10 -20.97 -8.62
C TYR B 371 -18.47 -19.72 -7.84
N THR B 372 -17.49 -19.15 -7.16
CA THR B 372 -17.65 -17.82 -6.58
C THR B 372 -17.31 -16.76 -7.62
N VAL B 373 -17.76 -15.53 -7.35
CA VAL B 373 -17.45 -14.39 -8.18
C VAL B 373 -17.06 -13.22 -7.29
N ALA B 374 -16.16 -12.38 -7.81
CA ALA B 374 -15.72 -11.21 -7.07
C ALA B 374 -16.87 -10.25 -6.86
N GLY B 375 -16.88 -9.59 -5.72
CA GLY B 375 -17.87 -8.57 -5.44
C GLY B 375 -18.17 -8.50 -3.96
N LYS B 376 -19.21 -7.73 -3.65
CA LYS B 376 -19.62 -7.48 -2.27
C LYS B 376 -20.79 -8.38 -1.90
N GLY B 377 -20.74 -8.92 -0.68
CA GLY B 377 -21.85 -9.66 -0.13
C GLY B 377 -22.20 -9.08 1.23
N TYR B 378 -23.02 -9.78 2.02
CA TYR B 378 -23.37 -9.29 3.35
C TYR B 378 -23.44 -10.45 4.32
N ALA B 379 -23.11 -10.16 5.58
CA ALA B 379 -23.18 -11.12 6.67
C ALA B 379 -24.25 -10.65 7.64
N TYR B 380 -25.34 -11.40 7.73
CA TYR B 380 -26.44 -11.11 8.64
C TYR B 380 -26.79 -12.38 9.38
N HIS B 381 -26.91 -12.27 10.71
CA HIS B 381 -27.26 -13.38 11.59
C HIS B 381 -26.19 -14.46 11.41
N SER B 382 -26.51 -15.67 11.01
CA SER B 382 -25.53 -16.73 10.88
C SER B 382 -25.25 -17.10 9.43
N LYS B 383 -25.53 -16.20 8.48
CA LYS B 383 -25.38 -16.53 7.07
C LYS B 383 -24.56 -15.47 6.34
N PHE B 384 -23.73 -15.94 5.40
CA PHE B 384 -22.96 -15.10 4.51
C PHE B 384 -23.56 -15.27 3.12
N HIS B 385 -24.24 -14.25 2.63
CA HIS B 385 -24.89 -14.29 1.33
C HIS B 385 -24.05 -13.53 0.31
N ALA B 386 -23.82 -14.15 -0.84
CA ALA B 386 -22.99 -13.55 -1.88
C ALA B 386 -23.40 -14.12 -3.23
N PHE B 387 -23.02 -13.40 -4.29
CA PHE B 387 -23.27 -13.87 -5.64
C PHE B 387 -22.42 -15.08 -5.96
N GLY B 388 -22.96 -15.95 -6.80
CA GLY B 388 -22.23 -17.11 -7.28
C GLY B 388 -22.59 -17.41 -8.72
N ASN B 389 -21.79 -18.28 -9.33
CA ASN B 389 -22.04 -18.80 -10.67
C ASN B 389 -22.08 -20.32 -10.60
N VAL B 390 -23.06 -20.93 -11.28
CA VAL B 390 -23.23 -22.38 -11.29
C VAL B 390 -23.37 -22.85 -12.73
N VAL B 391 -22.71 -23.95 -13.05
CA VAL B 391 -22.84 -24.59 -14.35
C VAL B 391 -24.00 -25.59 -14.25
N ARG B 392 -25.00 -25.43 -15.11
CA ARG B 392 -26.21 -26.22 -15.01
C ARG B 392 -26.76 -26.47 -16.40
N VAL B 393 -27.37 -27.64 -16.58
CA VAL B 393 -27.98 -27.99 -17.86
C VAL B 393 -29.17 -27.08 -18.12
N GLY B 394 -29.42 -26.82 -19.40
CA GLY B 394 -30.51 -25.94 -19.77
C GLY B 394 -31.86 -26.53 -19.41
N GLN B 395 -32.81 -25.64 -19.13
CA GLN B 395 -34.17 -26.03 -18.79
C GLN B 395 -35.09 -25.60 -19.93
N SER B 396 -36.12 -26.40 -20.20
CA SER B 396 -36.98 -26.13 -21.35
C SER B 396 -37.75 -24.83 -21.18
N GLU B 397 -38.20 -24.56 -19.95
CA GLU B 397 -39.07 -23.41 -19.71
C GLU B 397 -38.34 -22.08 -19.79
N TYR B 398 -37.02 -22.05 -19.59
CA TYR B 398 -36.29 -20.81 -19.40
C TYR B 398 -35.22 -20.65 -20.47
N GLN B 399 -35.27 -19.54 -21.20
CA GLN B 399 -34.29 -19.15 -22.20
C GLN B 399 -33.53 -17.92 -21.73
N ALA B 400 -32.49 -17.57 -22.47
CA ALA B 400 -31.67 -16.41 -22.14
C ALA B 400 -32.46 -15.11 -22.28
N LYS B 401 -32.29 -14.22 -21.30
CA LYS B 401 -32.77 -12.85 -21.45
C LYS B 401 -32.06 -12.19 -22.63
N CYS B 402 -32.83 -11.56 -23.51
CA CYS B 402 -32.27 -11.20 -24.80
C CYS B 402 -32.66 -9.79 -25.24
N ARG B 403 -33.83 -9.65 -25.85
CA ARG B 403 -34.23 -8.35 -26.38
C ARG B 403 -34.54 -7.39 -25.26
N GLY B 404 -34.11 -6.15 -25.42
CA GLY B 404 -34.36 -5.14 -24.42
C GLY B 404 -33.81 -3.80 -24.87
N THR B 405 -33.82 -2.84 -23.94
CA THR B 405 -33.32 -1.50 -24.25
C THR B 405 -31.83 -1.54 -24.59
N GLY B 406 -31.10 -2.52 -24.06
CA GLY B 406 -29.68 -2.63 -24.41
C GLY B 406 -29.46 -3.04 -25.85
N CYS B 407 -30.20 -4.05 -26.31
CA CYS B 407 -30.09 -4.54 -27.69
C CYS B 407 -31.49 -4.83 -28.22
N PRO B 408 -32.14 -3.84 -28.83
CA PRO B 408 -33.50 -4.06 -29.34
C PRO B 408 -33.58 -5.15 -30.40
N THR B 409 -32.51 -5.38 -31.15
CA THR B 409 -32.50 -6.35 -32.24
C THR B 409 -31.78 -7.65 -31.86
N ALA B 410 -31.63 -7.92 -30.56
CA ALA B 410 -30.91 -9.10 -30.12
C ALA B 410 -31.58 -10.38 -30.60
N ASN B 411 -30.76 -11.36 -30.96
CA ASN B 411 -31.21 -12.66 -31.47
C ASN B 411 -31.18 -13.69 -30.35
N GLN B 412 -32.30 -14.42 -30.20
CA GLN B 412 -32.41 -15.38 -29.10
C GLN B 412 -31.35 -16.46 -29.19
N ASP B 413 -31.04 -16.91 -30.40
CA ASP B 413 -30.01 -17.94 -30.58
C ASP B 413 -28.64 -17.42 -30.17
N ASP B 414 -28.34 -16.16 -30.49
CA ASP B 414 -27.07 -15.58 -30.08
C ASP B 414 -27.04 -15.37 -28.57
N CYS B 415 -28.18 -15.00 -27.98
CA CYS B 415 -28.24 -14.81 -26.53
C CYS B 415 -28.04 -16.13 -25.79
N ASN B 416 -28.66 -17.21 -26.26
CA ASN B 416 -28.47 -18.51 -25.63
C ASN B 416 -27.03 -18.99 -25.75
N THR B 417 -26.39 -18.74 -26.89
CA THR B 417 -24.99 -19.11 -27.07
C THR B 417 -24.10 -18.37 -26.09
N ALA B 418 -24.39 -17.09 -25.84
CA ALA B 418 -23.57 -16.30 -24.93
C ALA B 418 -23.57 -16.86 -23.51
N GLN B 419 -24.63 -17.56 -23.12
CA GLN B 419 -24.71 -18.16 -21.79
C GLN B 419 -24.22 -19.60 -21.76
N ARG B 420 -24.07 -20.25 -22.90
CA ARG B 420 -23.78 -21.67 -22.91
C ARG B 420 -22.35 -21.93 -22.44
N VAL B 421 -22.17 -23.06 -21.75
CA VAL B 421 -20.85 -23.48 -21.29
C VAL B 421 -20.36 -24.60 -22.18
N SER B 422 -21.09 -25.71 -22.20
CA SER B 422 -20.76 -26.86 -23.04
C SER B 422 -21.97 -27.17 -23.92
N GLN B 423 -21.80 -27.07 -25.23
CA GLN B 423 -22.89 -27.39 -26.15
C GLN B 423 -23.18 -28.88 -26.13
N GLU B 424 -22.14 -29.71 -25.99
CA GLU B 424 -22.34 -31.15 -25.96
C GLU B 424 -23.16 -31.56 -24.74
N ASP B 425 -22.84 -31.01 -23.57
CA ASP B 425 -23.57 -31.30 -22.35
C ASP B 425 -24.80 -30.41 -22.18
N ASN B 426 -24.96 -29.41 -23.03
CA ASN B 426 -26.08 -28.45 -22.94
C ASN B 426 -26.10 -27.78 -21.57
N THR B 427 -24.94 -27.32 -21.13
CA THR B 427 -24.80 -26.65 -19.84
C THR B 427 -24.68 -25.14 -20.04
N TYR B 428 -25.27 -24.38 -19.12
CA TYR B 428 -25.29 -22.93 -19.19
C TYR B 428 -24.83 -22.35 -17.85
N LEU B 429 -24.18 -21.19 -17.93
CA LEU B 429 -23.65 -20.53 -16.73
C LEU B 429 -24.76 -19.71 -16.09
N HIS B 430 -25.18 -20.09 -14.89
CA HIS B 430 -26.29 -19.45 -14.20
C HIS B 430 -25.78 -18.55 -13.08
N GLN B 431 -26.43 -17.42 -12.89
CA GLN B 431 -26.21 -16.62 -11.70
C GLN B 431 -26.88 -17.30 -10.51
N ALA B 432 -26.25 -17.18 -9.33
CA ALA B 432 -26.76 -17.86 -8.15
C ALA B 432 -26.50 -17.01 -6.93
N ILE B 433 -27.14 -17.38 -5.83
CA ILE B 433 -26.92 -16.78 -4.52
C ILE B 433 -26.42 -17.87 -3.59
N LEU B 434 -25.24 -17.66 -3.00
CA LEU B 434 -24.64 -18.60 -2.07
C LEU B 434 -24.93 -18.18 -0.64
N SER B 435 -25.48 -19.09 0.15
CA SER B 435 -25.78 -18.86 1.56
C SER B 435 -24.87 -19.77 2.38
N VAL B 436 -23.83 -19.19 2.99
CA VAL B 436 -22.77 -19.93 3.64
C VAL B 436 -22.86 -19.73 5.15
N ASP B 437 -22.74 -20.84 5.90
CA ASP B 437 -22.80 -20.79 7.35
C ASP B 437 -21.52 -20.20 7.91
N ILE B 438 -21.65 -19.15 8.73
CA ILE B 438 -20.49 -18.47 9.31
C ILE B 438 -20.42 -18.60 10.82
N ASP B 439 -21.40 -19.25 11.44
CA ASP B 439 -21.39 -19.47 12.89
C ASP B 439 -21.10 -20.90 13.28
N SER B 440 -21.52 -21.87 12.48
CA SER B 440 -21.39 -23.28 12.84
C SER B 440 -20.09 -23.85 12.31
N VAL B 441 -19.30 -24.45 13.20
CA VAL B 441 -18.16 -25.26 12.80
C VAL B 441 -18.52 -26.74 12.78
N ILE B 442 -19.61 -27.13 13.45
CA ILE B 442 -20.09 -28.50 13.46
C ILE B 442 -21.32 -28.57 12.57
N ASP B 443 -21.31 -29.49 11.60
CA ASP B 443 -22.37 -29.64 10.63
C ASP B 443 -22.73 -28.32 9.95
N PRO B 444 -21.79 -27.69 9.24
CA PRO B 444 -22.10 -26.41 8.60
C PRO B 444 -23.05 -26.61 7.42
N GLU B 445 -23.99 -25.69 7.29
CA GLU B 445 -25.04 -25.74 6.26
C GLU B 445 -24.76 -24.69 5.19
N ASP B 446 -24.30 -25.13 4.03
CA ASP B 446 -24.01 -24.27 2.89
C ASP B 446 -25.02 -24.56 1.79
N VAL B 447 -25.75 -23.53 1.36
CA VAL B 447 -26.89 -23.68 0.46
C VAL B 447 -26.63 -22.90 -0.83
N VAL B 448 -27.17 -23.43 -1.93
CA VAL B 448 -27.07 -22.80 -3.25
C VAL B 448 -28.49 -22.50 -3.74
N TYR B 449 -28.74 -21.24 -4.07
CA TYR B 449 -30.00 -20.80 -4.66
C TYR B 449 -29.75 -20.40 -6.12
N VAL B 450 -30.30 -21.16 -7.04
CA VAL B 450 -30.06 -20.96 -8.47
C VAL B 450 -31.08 -19.99 -9.06
N ILE B 451 -30.60 -19.04 -9.86
CA ILE B 451 -31.46 -18.13 -10.59
C ILE B 451 -31.52 -18.57 -12.05
N GLU B 452 -32.73 -18.71 -12.59
CA GLU B 452 -32.89 -19.16 -13.96
C GLU B 452 -32.36 -18.11 -14.94
N ARG B 453 -31.85 -18.57 -16.08
CA ARG B 453 -31.12 -17.70 -17.00
C ARG B 453 -32.00 -16.73 -17.76
N ASP B 454 -33.31 -16.68 -17.51
CA ASP B 454 -34.14 -15.63 -18.09
C ASP B 454 -34.10 -14.33 -17.29
N GLN B 455 -33.39 -14.30 -16.16
CA GLN B 455 -33.33 -13.14 -15.30
C GLN B 455 -32.11 -12.27 -15.55
N TYR B 456 -31.21 -12.68 -16.45
CA TYR B 456 -29.97 -11.94 -16.67
C TYR B 456 -29.46 -12.25 -18.07
N TYR B 457 -28.84 -11.24 -18.69
CA TYR B 457 -28.24 -11.45 -20.01
C TYR B 457 -27.13 -12.50 -19.95
N GLN B 458 -26.23 -12.36 -18.99
CA GLN B 458 -25.14 -13.30 -18.78
C GLN B 458 -24.82 -13.35 -17.30
N ALA B 459 -24.43 -14.54 -16.83
CA ALA B 459 -23.90 -14.65 -15.48
C ALA B 459 -22.59 -13.88 -15.38
N SER B 460 -22.36 -13.27 -14.22
CA SER B 460 -21.20 -12.40 -14.08
C SER B 460 -20.89 -12.24 -12.59
N ALA B 461 -19.81 -11.51 -12.32
CA ALA B 461 -19.53 -11.06 -10.96
C ALA B 461 -20.51 -9.96 -10.57
N GLY B 462 -20.65 -9.74 -9.28
CA GLY B 462 -21.62 -8.75 -8.85
C GLY B 462 -21.55 -8.47 -7.37
N ASP B 463 -22.39 -7.54 -6.94
CA ASP B 463 -22.47 -7.10 -5.55
C ASP B 463 -23.91 -7.27 -5.06
N LEU B 464 -24.05 -7.70 -3.81
CA LEU B 464 -25.35 -7.78 -3.15
C LEU B 464 -25.39 -6.77 -2.01
N TYR B 465 -26.51 -6.06 -1.89
CA TYR B 465 -26.72 -5.09 -0.83
C TYR B 465 -28.00 -5.42 -0.08
N ARG B 466 -27.93 -5.40 1.24
CA ARG B 466 -29.08 -5.67 2.09
C ARG B 466 -29.50 -4.37 2.78
N VAL B 467 -30.73 -3.94 2.53
CA VAL B 467 -31.27 -2.78 3.22
C VAL B 467 -31.43 -3.15 4.68
N PRO B 468 -30.77 -2.44 5.60
CA PRO B 468 -30.79 -2.87 7.00
C PRO B 468 -32.18 -2.89 7.63
N GLU B 469 -33.01 -1.89 7.35
CA GLU B 469 -34.31 -1.81 8.01
C GLU B 469 -35.31 -2.80 7.42
N THR B 470 -35.40 -2.87 6.09
CA THR B 470 -36.42 -3.67 5.43
C THR B 470 -35.95 -5.08 5.08
N GLY B 471 -34.66 -5.27 4.84
CA GLY B 471 -34.15 -6.57 4.44
C GLY B 471 -34.24 -6.86 2.96
N GLU B 472 -34.70 -5.92 2.14
CA GLU B 472 -34.71 -6.11 0.71
C GLU B 472 -33.28 -6.17 0.19
N ILE B 473 -33.08 -6.94 -0.87
CA ILE B 473 -31.75 -7.20 -1.43
C ILE B 473 -31.63 -6.48 -2.76
N LEU B 474 -30.65 -5.59 -2.84
CA LEU B 474 -30.30 -4.90 -4.08
C LEU B 474 -29.05 -5.54 -4.68
N TYR B 475 -28.90 -5.41 -6.00
CA TYR B 475 -27.77 -6.04 -6.65
C TYR B 475 -27.16 -5.09 -7.68
N ASN B 476 -25.88 -5.29 -7.94
CA ASN B 476 -25.15 -4.63 -9.03
C ASN B 476 -24.43 -5.72 -9.80
N LEU B 477 -24.93 -6.04 -10.99
CA LEU B 477 -24.33 -7.08 -11.81
C LEU B 477 -23.26 -6.46 -12.68
N HIS B 478 -22.00 -6.86 -12.44
CA HIS B 478 -20.89 -6.27 -13.16
C HIS B 478 -20.94 -6.64 -14.63
N ASN B 479 -20.18 -5.90 -15.44
CA ASN B 479 -20.16 -6.15 -16.87
C ASN B 479 -19.10 -7.18 -17.22
N GLY B 480 -18.46 -7.05 -18.38
CA GLY B 480 -17.56 -8.06 -18.86
C GLY B 480 -18.15 -9.00 -19.88
N GLY B 481 -19.46 -8.89 -20.14
CA GLY B 481 -20.11 -9.67 -21.18
C GLY B 481 -20.50 -8.80 -22.37
N TRP B 482 -21.55 -9.18 -23.09
CA TRP B 482 -21.97 -8.38 -24.23
C TRP B 482 -22.83 -7.20 -23.83
N SER B 483 -23.59 -7.31 -22.74
CA SER B 483 -24.44 -6.22 -22.31
C SER B 483 -23.61 -5.03 -21.84
N ASN B 484 -23.86 -3.85 -22.43
CA ASN B 484 -23.18 -2.64 -22.04
C ASN B 484 -24.06 -1.73 -21.17
N GLU B 485 -25.15 -2.28 -20.63
CA GLU B 485 -25.97 -1.52 -19.70
C GLU B 485 -25.38 -1.58 -18.30
N VAL B 486 -25.67 -0.54 -17.52
CA VAL B 486 -25.37 -0.57 -16.09
C VAL B 486 -26.47 -1.38 -15.42
N GLN B 487 -26.12 -2.58 -14.97
CA GLN B 487 -27.09 -3.58 -14.54
C GLN B 487 -27.25 -3.51 -13.02
N VAL B 488 -28.38 -2.96 -12.59
CA VAL B 488 -28.76 -2.92 -11.18
C VAL B 488 -30.20 -3.36 -11.06
N GLY B 489 -30.60 -3.72 -9.85
CA GLY B 489 -31.97 -4.15 -9.63
C GLY B 489 -32.15 -4.70 -8.23
N ARG B 490 -33.26 -5.41 -8.05
CA ARG B 490 -33.63 -5.97 -6.76
C ARG B 490 -33.83 -7.48 -6.89
N ILE B 491 -33.33 -8.23 -5.91
CA ILE B 491 -33.53 -9.67 -5.84
C ILE B 491 -34.83 -9.95 -5.11
N GLN B 492 -35.78 -10.56 -5.81
CA GLN B 492 -37.08 -10.92 -5.22
C GLN B 492 -37.28 -12.43 -5.22
N PRO B 493 -37.22 -13.09 -4.06
CA PRO B 493 -37.54 -14.53 -4.00
C PRO B 493 -39.04 -14.74 -3.91
N SER B 494 -39.61 -15.37 -4.93
CA SER B 494 -41.03 -15.71 -4.93
C SER B 494 -41.19 -17.20 -5.21
N ASP B 495 -41.99 -17.55 -6.23
CA ASP B 495 -42.03 -18.94 -6.68
C ASP B 495 -40.66 -19.39 -7.16
N ARG B 496 -39.85 -18.45 -7.64
CA ARG B 496 -38.45 -18.68 -7.95
C ARG B 496 -37.72 -17.35 -7.75
N PHE B 497 -36.39 -17.39 -7.90
CA PHE B 497 -35.60 -16.19 -7.67
C PHE B 497 -35.64 -15.29 -8.89
N TYR B 498 -36.20 -14.09 -8.73
CA TYR B 498 -36.29 -13.10 -9.79
C TYR B 498 -35.27 -11.99 -9.55
N MET B 499 -34.73 -11.47 -10.64
CA MET B 499 -33.89 -10.28 -10.64
C MET B 499 -34.67 -9.17 -11.34
N ARG B 500 -35.32 -8.32 -10.53
CA ARG B 500 -36.13 -7.22 -11.06
C ARG B 500 -35.21 -6.07 -11.45
N GLU B 501 -35.08 -5.82 -12.76
CA GLU B 501 -34.18 -4.78 -13.22
C GLU B 501 -34.63 -3.42 -12.73
N ILE B 502 -33.67 -2.57 -12.40
CA ILE B 502 -33.90 -1.17 -12.09
C ILE B 502 -33.13 -0.34 -13.10
N GLN B 503 -33.82 0.61 -13.74
CA GLN B 503 -33.19 1.48 -14.73
C GLN B 503 -32.53 2.63 -13.98
N LEU B 504 -31.20 2.55 -13.84
CA LEU B 504 -30.45 3.56 -13.11
C LEU B 504 -29.89 4.65 -14.03
N THR B 505 -29.29 4.27 -15.14
CA THR B 505 -28.73 5.24 -16.07
C THR B 505 -28.74 4.64 -17.47
N SER B 506 -28.89 5.51 -18.47
CA SER B 506 -28.83 5.11 -19.86
C SER B 506 -27.44 5.22 -20.47
N THR B 507 -26.46 5.76 -19.73
CA THR B 507 -25.10 5.78 -20.23
C THR B 507 -24.57 4.36 -20.35
N ARG B 508 -24.01 4.04 -21.51
CA ARG B 508 -23.59 2.67 -21.79
C ARG B 508 -22.14 2.45 -21.40
N VAL B 509 -21.82 1.20 -21.06
CA VAL B 509 -20.45 0.82 -20.74
C VAL B 509 -19.65 0.72 -22.04
N PRO B 510 -18.47 1.32 -22.13
CA PRO B 510 -17.73 1.31 -23.38
C PRO B 510 -17.05 -0.03 -23.65
N ALA B 511 -16.66 -0.22 -24.90
CA ALA B 511 -15.90 -1.38 -25.33
C ALA B 511 -14.41 -1.10 -25.23
N PRO B 512 -13.57 -2.14 -25.22
CA PRO B 512 -12.13 -1.92 -25.21
C PRO B 512 -11.66 -1.20 -26.47
N ASN B 513 -10.46 -0.63 -26.38
CA ASN B 513 -9.90 0.17 -27.46
C ASN B 513 -9.65 -0.70 -28.70
N GLY B 514 -10.12 -0.24 -29.85
CA GLY B 514 -9.90 -0.97 -31.08
C GLY B 514 -10.99 -1.91 -31.54
N CYS B 515 -12.06 -2.09 -30.77
CA CYS B 515 -13.08 -3.07 -31.09
C CYS B 515 -14.10 -2.45 -32.04
N ASN B 516 -14.28 -3.06 -33.21
CA ASN B 516 -15.18 -2.55 -34.23
C ASN B 516 -16.40 -3.44 -34.47
N ARG B 517 -16.66 -4.42 -33.60
CA ARG B 517 -17.84 -5.25 -33.77
C ARG B 517 -19.04 -4.53 -33.13
N VAL B 518 -20.19 -5.21 -33.07
CA VAL B 518 -21.39 -4.59 -32.53
C VAL B 518 -21.22 -4.30 -31.04
N LYS B 519 -21.82 -3.21 -30.59
CA LYS B 519 -21.76 -2.76 -29.20
C LYS B 519 -23.05 -3.14 -28.48
N GLY B 520 -22.91 -3.74 -27.30
CA GLY B 520 -24.05 -4.02 -26.46
C GLY B 520 -25.01 -5.03 -27.01
N CYS B 521 -24.54 -5.94 -27.86
CA CYS B 521 -25.37 -7.00 -28.41
C CYS B 521 -24.57 -8.29 -28.43
N PRO B 522 -25.25 -9.44 -28.31
CA PRO B 522 -24.51 -10.71 -28.16
C PRO B 522 -23.69 -11.04 -29.40
N GLY B 523 -22.53 -11.63 -29.18
CA GLY B 523 -21.63 -12.00 -30.25
C GLY B 523 -20.72 -10.90 -30.74
N GLY B 524 -20.72 -9.72 -30.11
CA GLY B 524 -19.90 -8.63 -30.60
C GLY B 524 -18.83 -8.20 -29.62
N CYS B 525 -18.61 -6.89 -29.50
CA CYS B 525 -17.62 -6.38 -28.57
C CYS B 525 -18.04 -6.66 -27.14
N VAL B 526 -17.05 -6.81 -26.28
CA VAL B 526 -17.31 -6.92 -24.84
C VAL B 526 -17.46 -5.53 -24.24
N ALA B 527 -18.24 -5.44 -23.18
CA ALA B 527 -18.36 -4.23 -22.38
C ALA B 527 -17.43 -4.35 -21.17
N VAL B 528 -16.57 -3.34 -20.98
CA VAL B 528 -15.50 -3.48 -20.01
C VAL B 528 -16.07 -3.71 -18.60
N ILE B 529 -15.24 -4.34 -17.75
CA ILE B 529 -15.70 -4.77 -16.43
C ILE B 529 -15.40 -3.73 -15.35
N SER B 530 -14.85 -2.58 -15.72
CA SER B 530 -14.49 -1.57 -14.72
C SER B 530 -15.67 -1.00 -13.92
N PRO B 531 -16.86 -0.76 -14.50
CA PRO B 531 -17.89 -0.05 -13.72
C PRO B 531 -18.36 -0.83 -12.49
N ALA B 532 -18.51 -0.10 -11.39
CA ALA B 532 -19.09 -0.63 -10.16
C ALA B 532 -19.98 0.44 -9.56
N PHE B 533 -21.25 0.11 -9.32
CA PHE B 533 -22.23 1.07 -8.82
C PHE B 533 -22.78 0.60 -7.48
N THR B 534 -22.82 1.52 -6.51
CA THR B 534 -23.38 1.26 -5.20
C THR B 534 -24.66 2.07 -5.00
N PRO B 535 -25.66 1.53 -4.30
CA PRO B 535 -26.92 2.26 -4.11
C PRO B 535 -26.82 3.30 -3.00
N MET B 536 -27.40 4.47 -3.27
CA MET B 536 -27.56 5.53 -2.29
C MET B 536 -29.01 5.66 -1.82
N HIS B 537 -29.81 4.62 -2.05
CA HIS B 537 -31.26 4.67 -1.87
C HIS B 537 -31.75 3.26 -1.65
N PRO B 538 -32.75 3.03 -0.78
CA PRO B 538 -33.20 1.65 -0.52
C PRO B 538 -33.79 0.96 -1.72
N GLU B 539 -34.24 1.70 -2.74
CA GLU B 539 -34.78 1.13 -3.96
C GLU B 539 -33.90 1.45 -5.18
N PHE B 540 -32.65 1.85 -4.94
CA PHE B 540 -31.69 2.16 -6.00
C PHE B 540 -32.15 3.32 -6.87
N ASN B 541 -32.97 4.21 -6.32
CA ASN B 541 -33.33 5.43 -7.03
C ASN B 541 -32.11 6.31 -7.27
N VAL B 542 -31.12 6.24 -6.37
CA VAL B 542 -29.89 7.01 -6.48
C VAL B 542 -28.71 6.06 -6.41
N GLY B 543 -27.74 6.26 -7.29
CA GLY B 543 -26.55 5.44 -7.30
C GLY B 543 -25.32 6.29 -7.55
N VAL B 544 -24.19 5.82 -7.02
CA VAL B 544 -22.88 6.39 -7.28
C VAL B 544 -21.99 5.27 -7.79
N GLY B 545 -21.24 5.54 -8.85
CA GLY B 545 -20.41 4.52 -9.45
C GLY B 545 -19.07 5.06 -9.88
N ILE B 546 -18.11 4.15 -9.99
CA ILE B 546 -16.82 4.42 -10.61
C ILE B 546 -16.89 3.90 -12.04
N PHE B 547 -16.52 4.75 -13.00
CA PHE B 547 -16.83 4.53 -14.39
C PHE B 547 -15.66 4.96 -15.26
N PRO B 548 -15.40 4.26 -16.37
CA PRO B 548 -14.34 4.69 -17.29
C PRO B 548 -14.83 5.82 -18.19
N MET B 549 -14.03 6.88 -18.30
CA MET B 549 -14.39 8.03 -19.12
C MET B 549 -13.28 8.33 -20.11
N ASN B 550 -13.69 8.79 -21.29
CA ASN B 550 -12.81 9.20 -22.38
C ASN B 550 -12.12 8.00 -23.01
N GLN B 551 -11.34 8.24 -24.07
CA GLN B 551 -10.70 7.15 -24.78
C GLN B 551 -9.73 6.34 -23.91
N PRO B 552 -8.90 6.94 -23.05
CA PRO B 552 -8.04 6.12 -22.17
C PRO B 552 -8.79 5.40 -21.06
N HIS B 553 -10.12 5.53 -20.97
CA HIS B 553 -10.90 4.94 -19.88
C HIS B 553 -10.38 5.43 -18.53
N ASN B 554 -10.24 6.75 -18.40
CA ASN B 554 -9.79 7.34 -17.16
C ASN B 554 -10.77 7.02 -16.03
N PRO B 555 -10.28 6.89 -14.80
CA PRO B 555 -11.19 6.67 -13.67
C PRO B 555 -12.04 7.91 -13.40
N SER B 556 -13.31 7.67 -13.09
CA SER B 556 -14.25 8.75 -12.89
C SER B 556 -15.33 8.33 -11.90
N ILE B 557 -16.05 9.32 -11.40
CA ILE B 557 -17.15 9.11 -10.47
C ILE B 557 -18.42 9.65 -11.11
N MET B 558 -19.48 8.85 -11.11
CA MET B 558 -20.76 9.21 -11.71
C MET B 558 -21.85 9.15 -10.65
N HIS B 559 -22.66 10.20 -10.59
CA HIS B 559 -23.78 10.30 -9.66
C HIS B 559 -25.06 10.40 -10.48
N VAL B 560 -25.93 9.40 -10.32
CA VAL B 560 -27.13 9.29 -11.14
C VAL B 560 -28.34 9.05 -10.23
N GLN B 561 -29.45 9.68 -10.58
CA GLN B 561 -30.72 9.50 -9.87
C GLN B 561 -31.81 9.27 -10.90
N GLN B 562 -32.31 8.04 -10.98
CA GLN B 562 -33.41 7.67 -11.86
C GLN B 562 -33.18 8.17 -13.28
N GLN B 563 -32.03 7.79 -13.84
CA GLN B 563 -31.59 8.10 -15.20
C GLN B 563 -31.26 9.57 -15.41
N THR B 564 -31.19 10.37 -14.35
CA THR B 564 -30.70 11.74 -14.43
C THR B 564 -29.26 11.78 -13.93
N GLU B 565 -28.36 12.28 -14.76
CA GLU B 565 -26.94 12.39 -14.37
C GLU B 565 -26.77 13.63 -13.50
N LEU B 566 -26.44 13.42 -12.23
CA LEU B 566 -26.19 14.54 -11.33
C LEU B 566 -24.80 15.13 -11.54
N PHE B 567 -23.78 14.27 -11.69
CA PHE B 567 -22.48 14.71 -12.15
C PHE B 567 -21.73 13.51 -12.71
N TRP B 568 -20.73 13.81 -13.54
CA TRP B 568 -19.82 12.79 -14.08
C TRP B 568 -18.45 13.46 -14.13
N LYS B 569 -17.62 13.19 -13.12
CA LYS B 569 -16.38 13.92 -12.96
C LYS B 569 -15.17 13.00 -13.05
N PRO B 570 -14.11 13.43 -13.75
CA PRO B 570 -12.88 12.62 -13.79
C PRO B 570 -12.08 12.78 -12.52
N ILE B 571 -11.49 11.67 -12.08
CA ILE B 571 -10.54 11.73 -10.98
C ILE B 571 -9.19 12.27 -11.47
N VAL B 572 -8.72 11.75 -12.60
CA VAL B 572 -7.54 12.25 -13.29
C VAL B 572 -7.77 12.08 -14.78
N GLY B 573 -7.00 12.82 -15.57
CA GLY B 573 -7.01 12.73 -17.01
C GLY B 573 -5.81 11.99 -17.55
N GLY B 574 -5.25 12.49 -18.65
CA GLY B 574 -4.07 11.88 -19.23
C GLY B 574 -4.34 10.47 -19.75
N ASN B 575 -3.32 9.62 -19.65
CA ASN B 575 -3.34 8.28 -20.21
C ASN B 575 -3.51 7.19 -19.16
N ILE B 576 -3.92 7.55 -17.94
CA ILE B 576 -4.18 6.57 -16.90
C ILE B 576 -5.49 5.82 -17.23
N THR B 577 -5.42 4.50 -17.25
CA THR B 577 -6.52 3.66 -17.69
C THR B 577 -7.08 2.86 -16.53
N LEU B 578 -8.40 2.93 -16.36
CA LEU B 578 -9.08 2.17 -15.33
C LEU B 578 -9.40 0.75 -15.82
N HIS B 579 -9.13 -0.23 -14.97
CA HIS B 579 -9.37 -1.64 -15.30
C HIS B 579 -10.51 -2.22 -14.48
N GLU B 580 -10.41 -2.18 -13.15
CA GLU B 580 -11.44 -2.70 -12.27
C GLU B 580 -11.64 -1.71 -11.12
N SER B 581 -12.79 -1.79 -10.47
CA SER B 581 -13.09 -0.88 -9.38
C SER B 581 -14.10 -1.51 -8.42
N SER B 582 -14.09 -1.00 -7.19
CA SER B 582 -15.09 -1.35 -6.18
C SER B 582 -15.30 -0.13 -5.29
N ILE B 583 -16.55 0.11 -4.91
CA ILE B 583 -16.93 1.34 -4.21
C ILE B 583 -17.78 0.99 -3.00
N ALA B 584 -17.51 1.68 -1.89
CA ALA B 584 -18.30 1.54 -0.66
C ALA B 584 -18.62 2.93 -0.13
N CYS B 585 -19.90 3.29 -0.12
CA CYS B 585 -20.36 4.57 0.42
C CYS B 585 -21.13 4.32 1.72
N TYR B 586 -20.93 5.22 2.69
CA TYR B 586 -21.51 5.07 4.02
C TYR B 586 -21.91 6.44 4.56
N SER B 587 -22.49 6.44 5.77
CA SER B 587 -22.96 7.64 6.45
C SER B 587 -22.35 7.66 7.85
N THR B 588 -22.26 8.86 8.44
CA THR B 588 -21.48 9.07 9.65
C THR B 588 -22.19 8.75 10.98
N VAL B 589 -23.51 8.64 11.01
CA VAL B 589 -24.27 8.40 12.24
C VAL B 589 -23.94 9.46 13.29
N PRO B 590 -24.71 10.56 13.37
CA PRO B 590 -25.85 10.82 12.49
C PRO B 590 -25.34 11.24 11.12
N PRO B 591 -26.15 11.09 10.08
CA PRO B 591 -25.70 11.46 8.74
C PRO B 591 -25.36 12.94 8.64
N ASN B 592 -24.34 13.23 7.86
CA ASN B 592 -24.08 14.61 7.47
C ASN B 592 -25.23 15.08 6.60
N PRO B 593 -25.86 16.22 6.91
CA PRO B 593 -27.04 16.64 6.13
C PRO B 593 -26.76 16.82 4.65
N SER B 594 -25.51 17.02 4.26
CA SER B 594 -25.16 17.31 2.89
C SER B 594 -24.31 16.24 2.21
N TYR B 595 -23.55 15.45 2.97
CA TYR B 595 -22.58 14.55 2.36
C TYR B 595 -22.64 13.16 2.96
N ASP B 596 -22.45 12.17 2.10
CA ASP B 596 -22.03 10.84 2.49
C ASP B 596 -20.53 10.71 2.18
N LEU B 597 -19.95 9.62 2.65
CA LEU B 597 -18.55 9.33 2.38
C LEU B 597 -18.44 8.05 1.56
N CYS B 598 -17.60 8.08 0.54
CA CYS B 598 -17.35 6.92 -0.30
C CYS B 598 -15.87 6.58 -0.31
N ILE B 599 -15.57 5.30 -0.33
CA ILE B 599 -14.21 4.80 -0.52
C ILE B 599 -14.19 4.04 -1.83
N GLY B 600 -13.28 4.43 -2.72
CA GLY B 600 -13.12 3.79 -4.01
C GLY B 600 -11.77 3.09 -4.08
N VAL B 601 -11.81 1.81 -4.45
CA VAL B 601 -10.60 1.05 -4.73
C VAL B 601 -10.61 0.65 -6.20
N MET B 602 -9.45 0.75 -6.84
CA MET B 602 -9.35 0.56 -8.28
C MET B 602 -8.04 -0.13 -8.63
N THR B 603 -8.02 -0.73 -9.81
CA THR B 603 -6.79 -1.17 -10.47
C THR B 603 -6.58 -0.31 -11.71
N LEU B 604 -5.41 0.31 -11.81
CA LEU B 604 -5.16 1.31 -12.84
C LEU B 604 -3.81 1.06 -13.50
N LEU B 605 -3.76 1.35 -14.80
CA LEU B 605 -2.50 1.35 -15.54
C LEU B 605 -1.88 2.73 -15.38
N LEU B 606 -0.96 2.86 -14.43
CA LEU B 606 -0.40 4.17 -14.10
C LEU B 606 0.68 4.61 -15.10
N HIS B 607 1.46 3.68 -15.63
CA HIS B 607 2.52 4.02 -16.57
C HIS B 607 2.54 3.03 -17.71
N GLN B 608 2.88 3.52 -18.90
CA GLN B 608 2.98 2.67 -20.07
C GLN B 608 4.12 1.67 -19.89
N GLY B 609 3.88 0.44 -20.32
CA GLY B 609 4.84 -0.64 -20.15
C GLY B 609 4.76 -1.35 -18.81
N GLN B 610 3.87 -0.93 -17.93
CA GLN B 610 3.66 -1.57 -16.64
C GLN B 610 2.34 -2.35 -16.65
N LEU B 611 1.89 -2.73 -15.46
CA LEU B 611 0.70 -3.54 -15.28
C LEU B 611 -0.25 -2.84 -14.32
N PRO B 612 -1.54 -3.21 -14.31
CA PRO B 612 -2.52 -2.52 -13.46
C PRO B 612 -2.11 -2.47 -12.01
N GLN B 613 -2.26 -1.28 -11.41
CA GLN B 613 -1.81 -1.01 -10.05
C GLN B 613 -3.00 -0.73 -9.14
N PHE B 614 -2.89 -1.16 -7.88
CA PHE B 614 -3.92 -0.86 -6.90
C PHE B 614 -3.81 0.60 -6.45
N GLN B 615 -4.93 1.32 -6.49
CA GLN B 615 -5.01 2.66 -5.96
C GLN B 615 -6.36 2.82 -5.26
N ALA B 616 -6.38 3.70 -4.26
CA ALA B 616 -7.58 3.96 -3.49
C ALA B 616 -7.73 5.45 -3.22
N LEU B 617 -8.96 5.86 -2.94
CA LEU B 617 -9.26 7.24 -2.60
C LEU B 617 -10.61 7.28 -1.92
N SER B 618 -10.84 8.33 -1.15
CA SER B 618 -12.13 8.60 -0.53
C SER B 618 -12.60 9.98 -0.96
N TRP B 619 -13.90 10.22 -0.79
CA TRP B 619 -14.44 11.53 -1.14
C TRP B 619 -15.77 11.75 -0.44
N TYR B 620 -16.09 13.02 -0.21
CA TYR B 620 -17.41 13.41 0.29
C TYR B 620 -18.41 13.34 -0.85
N GLN B 621 -19.41 12.47 -0.71
CA GLN B 621 -20.38 12.26 -1.78
C GLN B 621 -21.59 13.17 -1.57
N PRO B 622 -21.89 14.06 -2.50
CA PRO B 622 -23.03 14.98 -2.32
C PRO B 622 -24.34 14.22 -2.19
N THR B 623 -25.11 14.57 -1.14
CA THR B 623 -26.45 14.05 -0.94
C THR B 623 -27.47 15.15 -0.73
N MET B 624 -27.12 16.41 -1.02
CA MET B 624 -28.03 17.52 -0.77
C MET B 624 -29.14 17.58 -1.81
N CYS B 625 -30.32 18.01 -1.35
CA CYS B 625 -31.49 18.13 -2.22
C CYS B 625 -31.35 19.34 -3.15
N ASN B 626 -32.11 19.29 -4.23
CA ASN B 626 -32.14 20.36 -5.23
C ASN B 626 -33.31 21.31 -4.97
#